data_6GD0
#
_entry.id   6GD0
#
_cell.length_a   74.960
_cell.length_b   91.120
_cell.length_c   82.970
_cell.angle_alpha   90.00
_cell.angle_beta   115.90
_cell.angle_gamma   90.00
#
_symmetry.space_group_name_H-M   'P 1 21 1'
#
loop_
_entity.id
_entity.type
_entity.pdbx_description
1 polymer 'Pteridine reductase'
2 non-polymer 'NADP NICOTINAMIDE-ADENINE-DINUCLEOTIDE PHOSPHATE'
3 non-polymer 'methyl 1-[4-[[(2-azanyl-1,3-benzothiazol-6-yl)carbonylamino]methyl]phenyl]carbonylpiperidine-4-carboxylate'
4 non-polymer 'ACETATE ION'
5 water water
#
_entity_poly.entity_id   1
_entity_poly.type   'polypeptide(L)'
_entity_poly.pdbx_seq_one_letter_code
;MGSSHHHHHHSSGLVPRGSHMEAPAAVVTGAAKRIGRAIAVKLHQTGYRVVIHYHNSAEAAVSLADELNKERSNTAVVCQ
ADLTNSNVLPASCEEIINSCFRAFGRCDVLVNNASAFYPTPLVQGDHEDNSNGKTVETQVAELIGTNAIAPFLLTMSFAQ
RQKGTNPNCTSSNLSIVNLCDAMVDQPCMAFSLYNMGKHALVGLTQSAALELAPYGIRVNGVAPGVSLLPVAMGEEEKDK
WRRKVPLGRREASAEQIADAVIFLVSGSAQYITGSIIKVDGGLSLVHA
;
_entity_poly.pdbx_strand_id   A,B,C,D
#
loop_
_chem_comp.id
_chem_comp.type
_chem_comp.name
_chem_comp.formula
ACT non-polymer 'ACETATE ION' 'C2 H3 O2 -1'
EV8 non-polymer 'methyl 1-[4-[[(2-azanyl-1,3-benzothiazol-6-yl)carbonylamino]methyl]phenyl]carbonylpiperidine-4-carboxylate' 'C23 H24 N4 O4 S'
NAP non-polymer 'NADP NICOTINAMIDE-ADENINE-DINUCLEOTIDE PHOSPHATE' 'C21 H28 N7 O17 P3'
#
# COMPACT_ATOMS: atom_id res chain seq x y z
N GLU A 22 0.00 29.44 28.80
CA GLU A 22 1.43 29.51 28.36
C GLU A 22 1.57 28.87 26.98
N ALA A 23 2.46 29.39 26.14
CA ALA A 23 2.48 28.96 24.74
C ALA A 23 3.18 27.59 24.62
N PRO A 24 2.66 26.74 23.72
CA PRO A 24 3.37 25.49 23.47
C PRO A 24 4.69 25.76 22.70
N ALA A 25 5.54 24.75 22.67
CA ALA A 25 6.86 24.90 22.03
C ALA A 25 7.10 23.73 21.08
N ALA A 26 7.79 24.03 19.99
CA ALA A 26 8.05 22.99 18.98
C ALA A 26 9.56 23.00 18.64
N VAL A 27 10.10 21.80 18.33
CA VAL A 27 11.42 21.69 17.66
C VAL A 27 11.15 21.39 16.19
N VAL A 28 11.80 22.14 15.31
CA VAL A 28 11.79 21.81 13.89
C VAL A 28 13.23 21.57 13.44
N THR A 29 13.54 20.39 12.84
CA THR A 29 14.94 20.15 12.45
C THR A 29 15.13 20.71 11.05
N GLY A 30 16.34 21.15 10.77
CA GLY A 30 16.64 21.69 9.41
C GLY A 30 15.76 22.89 9.10
N ALA A 31 15.63 23.82 10.03
CA ALA A 31 14.57 24.87 9.98
C ALA A 31 15.10 26.22 9.48
N ALA A 32 16.37 26.28 9.07
CA ALA A 32 16.91 27.62 8.68
C ALA A 32 16.32 28.07 7.35
N LYS A 33 15.98 27.11 6.48
CA LYS A 33 15.59 27.50 5.13
C LYS A 33 14.48 26.59 4.61
N ARG A 34 13.90 26.99 3.48
CA ARG A 34 13.08 26.10 2.64
C ARG A 34 11.91 25.58 3.47
N ILE A 35 11.63 24.28 3.39
CA ILE A 35 10.37 23.77 3.97
C ILE A 35 10.43 23.89 5.49
N GLY A 36 11.57 23.56 6.07
CA GLY A 36 11.65 23.61 7.54
C GLY A 36 11.43 25.03 8.08
N ARG A 37 11.93 26.03 7.35
CA ARG A 37 11.67 27.44 7.74
C ARG A 37 10.17 27.74 7.63
N ALA A 38 9.54 27.28 6.56
CA ALA A 38 8.13 27.56 6.38
C ALA A 38 7.31 26.93 7.53
N ILE A 39 7.71 25.73 7.98
CA ILE A 39 7.02 25.05 9.08
C ILE A 39 7.26 25.83 10.39
N ALA A 40 8.51 26.21 10.65
CA ALA A 40 8.77 27.01 11.89
C ALA A 40 7.96 28.31 11.87
N VAL A 41 7.92 29.01 10.74
CA VAL A 41 7.18 30.27 10.64
C VAL A 41 5.69 30.02 10.90
N LYS A 42 5.14 28.98 10.27
CA LYS A 42 3.71 28.72 10.43
C LYS A 42 3.40 28.28 11.87
N LEU A 43 4.26 27.48 12.51
CA LEU A 43 4.00 27.12 13.92
C LEU A 43 4.07 28.39 14.78
N HIS A 44 5.05 29.23 14.47
CA HIS A 44 5.21 30.50 15.22
C HIS A 44 3.93 31.34 15.06
N GLN A 45 3.45 31.48 13.84
CA GLN A 45 2.22 32.27 13.58
C GLN A 45 1.00 31.67 14.30
N THR A 46 1.01 30.37 14.55
CA THR A 46 -0.06 29.63 15.23
C THR A 46 0.05 29.80 16.76
N GLY A 47 1.14 30.40 17.23
CA GLY A 47 1.30 30.65 18.66
C GLY A 47 2.36 29.79 19.35
N TYR A 48 3.14 28.99 18.58
CA TYR A 48 4.19 28.19 19.19
C TYR A 48 5.46 29.03 19.36
N ARG A 49 6.20 28.64 20.39
CA ARG A 49 7.61 29.00 20.53
C ARG A 49 8.41 27.91 19.83
N VAL A 50 9.49 28.28 19.15
CA VAL A 50 10.17 27.32 18.25
C VAL A 50 11.68 27.25 18.56
N VAL A 51 12.20 26.02 18.49
CA VAL A 51 13.64 25.79 18.35
C VAL A 51 13.93 25.57 16.87
N ILE A 52 14.74 26.47 16.31
CA ILE A 52 15.19 26.38 14.94
CA ILE A 52 15.20 26.41 14.94
C ILE A 52 16.49 25.60 14.92
N HIS A 53 16.40 24.30 14.62
CA HIS A 53 17.62 23.49 14.53
C HIS A 53 18.25 23.75 13.16
N TYR A 54 19.57 23.78 13.13
CA TYR A 54 20.29 23.88 11.85
C TYR A 54 21.62 23.11 11.96
N HIS A 55 22.28 22.90 10.83
CA HIS A 55 23.58 22.26 10.81
C HIS A 55 24.61 23.28 10.30
N ASN A 56 24.59 23.58 9.00
CA ASN A 56 25.56 24.51 8.40
C ASN A 56 24.99 25.93 8.25
N SER A 57 23.66 26.10 8.28
CA SER A 57 23.07 27.40 7.81
C SER A 57 22.87 28.37 8.98
N ALA A 58 23.98 28.72 9.64
CA ALA A 58 23.99 29.48 10.88
C ALA A 58 23.41 30.88 10.66
N GLU A 59 23.83 31.54 9.58
CA GLU A 59 23.36 32.92 9.24
C GLU A 59 21.84 32.92 8.98
N ALA A 60 21.36 31.96 8.18
CA ALA A 60 19.93 31.87 7.86
C ALA A 60 19.15 31.54 9.13
N ALA A 61 19.68 30.69 10.02
CA ALA A 61 18.95 30.31 11.26
C ALA A 61 18.77 31.52 12.20
N VAL A 62 19.87 32.24 12.41
CA VAL A 62 19.87 33.40 13.30
C VAL A 62 18.97 34.50 12.71
N SER A 63 19.01 34.69 11.38
CA SER A 63 18.18 35.68 10.74
C SER A 63 16.69 35.32 10.95
N LEU A 64 16.36 34.01 10.86
CA LEU A 64 14.96 33.59 11.08
C LEU A 64 14.58 33.82 12.55
N ALA A 65 15.42 33.46 13.50
CA ALA A 65 15.09 33.57 14.92
C ALA A 65 14.89 35.06 15.28
N ASP A 66 15.79 35.91 14.78
CA ASP A 66 15.60 37.39 14.88
C ASP A 66 14.26 37.88 14.38
N GLU A 67 13.85 37.49 13.16
CA GLU A 67 12.55 37.86 12.61
C GLU A 67 11.43 37.46 13.56
N LEU A 68 11.46 36.21 14.08
CA LEU A 68 10.36 35.70 14.93
C LEU A 68 10.39 36.37 16.31
N ASN A 69 11.58 36.63 16.82
CA ASN A 69 11.73 37.32 18.11
C ASN A 69 11.26 38.77 18.01
N LYS A 70 11.45 39.39 16.85
CA LYS A 70 10.98 40.76 16.65
C LYS A 70 9.45 40.78 16.60
N GLU A 71 8.84 39.70 16.11
CA GLU A 71 7.39 39.59 16.17
C GLU A 71 6.90 39.38 17.61
N ARG A 72 7.50 38.44 18.35
N ARG A 72 7.57 38.50 18.38
CA ARG A 72 7.15 38.21 19.76
CA ARG A 72 7.15 38.23 19.75
C ARG A 72 8.43 37.86 20.52
C ARG A 72 8.39 37.82 20.57
N SER A 73 8.72 38.62 21.58
CA SER A 73 9.96 38.45 22.36
C SER A 73 10.11 37.06 22.96
N ASN A 74 11.34 36.54 22.87
CA ASN A 74 11.76 35.30 23.53
C ASN A 74 10.87 34.12 23.07
N THR A 75 10.63 34.08 21.77
CA THR A 75 9.77 32.94 21.28
C THR A 75 10.51 32.07 20.26
N ALA A 76 11.77 32.37 19.95
CA ALA A 76 12.55 31.50 19.03
C ALA A 76 13.99 31.40 19.52
N VAL A 77 14.59 30.22 19.44
CA VAL A 77 16.03 30.07 19.65
C VAL A 77 16.55 29.17 18.53
N VAL A 78 17.86 29.24 18.30
CA VAL A 78 18.50 28.30 17.37
C VAL A 78 19.18 27.18 18.14
N CYS A 79 19.45 26.07 17.44
CA CYS A 79 20.16 24.97 18.09
C CYS A 79 20.95 24.26 16.99
N GLN A 80 22.28 24.23 17.10
CA GLN A 80 23.13 23.66 16.06
C GLN A 80 23.38 22.17 16.38
N ALA A 81 23.30 21.33 15.34
CA ALA A 81 23.66 19.91 15.49
C ALA A 81 23.82 19.26 14.13
N ASP A 82 24.87 18.43 14.02
CA ASP A 82 25.01 17.53 12.90
C ASP A 82 24.13 16.31 13.18
N LEU A 83 23.29 15.90 12.21
CA LEU A 83 22.42 14.73 12.47
C LEU A 83 22.89 13.50 11.68
N THR A 84 24.12 13.54 11.16
CA THR A 84 24.77 12.35 10.57
CA THR A 84 24.69 12.32 10.56
C THR A 84 24.84 11.26 11.65
N ASN A 85 24.67 9.98 11.29
CA ASN A 85 24.76 8.94 12.33
C ASN A 85 26.21 8.84 12.86
N SER A 86 26.37 8.65 14.16
CA SER A 86 27.70 8.39 14.77
C SER A 86 27.42 7.95 16.19
N ASN A 87 28.47 7.61 16.94
CA ASN A 87 28.26 7.21 18.33
C ASN A 87 27.82 8.40 19.20
N VAL A 88 27.92 9.63 18.75
CA VAL A 88 27.45 10.76 19.58
CA VAL A 88 27.50 10.82 19.52
C VAL A 88 26.10 11.29 19.07
N LEU A 89 25.55 10.69 18.04
CA LEU A 89 24.22 11.19 17.56
C LEU A 89 23.17 11.11 18.68
N PRO A 90 23.12 10.03 19.46
CA PRO A 90 22.12 10.02 20.53
C PRO A 90 22.23 11.23 21.47
N ALA A 91 23.46 11.59 21.84
CA ALA A 91 23.64 12.75 22.74
C ALA A 91 23.21 14.05 22.05
N SER A 92 23.52 14.19 20.76
CA SER A 92 23.13 15.37 19.99
CA SER A 92 23.13 15.36 19.97
C SER A 92 21.59 15.51 19.93
N CYS A 93 20.90 14.39 19.72
CA CYS A 93 19.42 14.41 19.63
C CYS A 93 18.83 14.71 21.01
N GLU A 94 19.35 14.07 22.04
CA GLU A 94 19.00 14.41 23.41
C GLU A 94 19.17 15.92 23.65
N GLU A 95 20.25 16.51 23.13
CA GLU A 95 20.54 17.91 23.45
C GLU A 95 19.59 18.84 22.67
N ILE A 96 19.16 18.45 21.46
CA ILE A 96 18.14 19.24 20.74
C ILE A 96 16.86 19.32 21.59
N ILE A 97 16.40 18.20 22.12
CA ILE A 97 15.17 18.19 22.88
C ILE A 97 15.40 18.99 24.16
N ASN A 98 16.53 18.70 24.83
CA ASN A 98 16.90 19.49 26.03
C ASN A 98 16.88 21.00 25.73
N SER A 99 17.30 21.43 24.54
CA SER A 99 17.33 22.85 24.26
C SER A 99 15.95 23.49 24.26
N CYS A 100 14.91 22.72 23.84
CA CYS A 100 13.56 23.21 23.85
C CYS A 100 13.10 23.37 25.30
N PHE A 101 13.37 22.37 26.13
CA PHE A 101 13.01 22.53 27.56
C PHE A 101 13.83 23.65 28.23
N ARG A 102 15.09 23.85 27.85
CA ARG A 102 15.93 24.91 28.46
CA ARG A 102 15.90 24.91 28.48
C ARG A 102 15.34 26.29 28.14
N ALA A 103 14.99 26.49 26.87
CA ALA A 103 14.44 27.74 26.40
C ALA A 103 13.01 27.97 26.91
N PHE A 104 12.15 26.94 26.89
CA PHE A 104 10.68 27.21 26.92
C PHE A 104 10.00 26.42 28.03
N GLY A 105 10.69 25.50 28.66
CA GLY A 105 10.11 24.80 29.82
C GLY A 105 9.24 23.62 29.43
N ARG A 106 9.14 23.34 28.12
CA ARG A 106 8.25 22.25 27.65
C ARG A 106 8.65 21.97 26.21
N CYS A 107 8.13 20.87 25.68
CA CYS A 107 8.33 20.54 24.26
C CYS A 107 7.13 19.69 23.81
N ASP A 108 6.27 20.36 23.06
CA ASP A 108 4.94 19.81 22.68
C ASP A 108 4.94 19.12 21.35
N VAL A 109 5.76 19.63 20.43
CA VAL A 109 5.75 19.14 19.03
C VAL A 109 7.20 18.92 18.58
N LEU A 110 7.46 17.84 17.84
CA LEU A 110 8.75 17.63 17.15
C LEU A 110 8.43 17.46 15.67
N VAL A 111 9.11 18.20 14.79
CA VAL A 111 8.95 18.02 13.37
C VAL A 111 10.32 17.57 12.83
N ASN A 112 10.36 16.34 12.29
CA ASN A 112 11.58 15.79 11.76
C ASN A 112 11.63 16.12 10.27
N ASN A 113 12.31 17.22 9.95
CA ASN A 113 12.32 17.79 8.60
C ASN A 113 13.70 17.65 7.96
N ALA A 114 14.79 17.77 8.74
CA ALA A 114 16.19 17.75 8.22
C ALA A 114 16.38 16.50 7.36
N SER A 115 17.07 16.62 6.23
CA SER A 115 17.21 15.47 5.38
C SER A 115 18.41 15.69 4.45
N ALA A 116 19.24 14.66 4.29
CA ALA A 116 20.26 14.67 3.22
C ALA A 116 19.66 14.01 1.98
N PHE A 117 20.07 14.46 0.79
CA PHE A 117 19.43 13.94 -0.41
C PHE A 117 20.44 14.02 -1.55
N TYR A 118 20.91 12.87 -2.03
CA TYR A 118 21.85 12.83 -3.19
C TYR A 118 21.94 11.37 -3.64
N PRO A 119 22.39 11.14 -4.87
CA PRO A 119 22.41 9.80 -5.41
C PRO A 119 23.54 8.94 -4.83
N THR A 120 23.31 7.63 -4.77
CA THR A 120 24.25 6.62 -4.36
C THR A 120 24.07 5.44 -5.34
N PRO A 121 24.63 5.60 -6.55
CA PRO A 121 24.41 4.57 -7.59
C PRO A 121 24.92 3.19 -7.13
N LEU A 122 24.23 2.11 -7.51
CA LEU A 122 24.66 0.75 -7.08
C LEU A 122 25.84 0.27 -7.94
N VAL A 123 25.87 0.74 -9.19
CA VAL A 123 26.95 0.35 -10.12
C VAL A 123 27.73 1.62 -10.48
N GLN A 124 29.06 1.56 -10.39
CA GLN A 124 29.93 2.74 -10.62
C GLN A 124 29.95 3.10 -12.12
N GLY A 133 35.29 12.78 -2.92
CA GLY A 133 34.09 11.93 -2.86
C GLY A 133 33.96 11.22 -1.52
N LYS A 134 32.72 10.99 -1.11
CA LYS A 134 32.47 10.41 0.21
C LYS A 134 32.61 8.89 0.15
N THR A 135 33.03 8.29 1.24
CA THR A 135 33.04 6.85 1.36
C THR A 135 31.58 6.36 1.48
N VAL A 136 31.35 5.10 1.14
CA VAL A 136 29.98 4.58 1.20
C VAL A 136 29.51 4.61 2.67
N GLU A 137 30.42 4.44 3.61
CA GLU A 137 29.95 4.44 4.99
C GLU A 137 29.55 5.87 5.41
N THR A 138 30.21 6.90 4.89
CA THR A 138 29.76 8.27 5.15
C THR A 138 28.37 8.50 4.52
N GLN A 139 28.15 7.96 3.33
CA GLN A 139 26.85 8.12 2.66
C GLN A 139 25.77 7.43 3.50
N VAL A 140 26.07 6.25 4.00
CA VAL A 140 25.10 5.57 4.88
C VAL A 140 24.81 6.46 6.12
N ALA A 141 25.85 6.95 6.79
CA ALA A 141 25.69 7.73 7.99
C ALA A 141 24.86 8.99 7.70
N GLU A 142 25.08 9.67 6.58
CA GLU A 142 24.35 10.91 6.27
C GLU A 142 22.91 10.59 5.81
N LEU A 143 22.74 9.66 4.85
CA LEU A 143 21.40 9.46 4.25
C LEU A 143 20.51 8.70 5.22
N ILE A 144 21.04 7.67 5.90
CA ILE A 144 20.19 6.91 6.83
C ILE A 144 20.17 7.65 8.18
N GLY A 145 21.29 8.29 8.57
CA GLY A 145 21.26 9.09 9.84
C GLY A 145 20.25 10.23 9.84
N THR A 146 20.34 11.14 8.86
CA THR A 146 19.45 12.29 8.87
C THR A 146 18.01 11.84 8.60
N ASN A 147 17.79 10.91 7.67
CA ASN A 147 16.41 10.65 7.27
C ASN A 147 15.71 9.66 8.20
N ALA A 148 16.43 8.89 9.01
CA ALA A 148 15.75 7.83 9.76
C ALA A 148 16.31 7.71 11.18
N ILE A 149 17.66 7.62 11.36
CA ILE A 149 18.17 7.35 12.73
CA ILE A 149 18.21 7.36 12.70
C ILE A 149 17.97 8.57 13.62
N ALA A 150 18.31 9.76 13.13
CA ALA A 150 18.08 10.98 13.97
C ALA A 150 16.58 11.12 14.30
N PRO A 151 15.66 10.92 13.31
CA PRO A 151 14.24 10.97 13.74
C PRO A 151 13.92 9.97 14.87
N PHE A 152 14.51 8.79 14.80
CA PHE A 152 14.29 7.73 15.83
C PHE A 152 14.80 8.20 17.18
N LEU A 153 16.00 8.74 17.21
CA LEU A 153 16.60 9.16 18.50
C LEU A 153 15.89 10.39 19.04
N LEU A 154 15.55 11.35 18.16
CA LEU A 154 14.80 12.52 18.62
C LEU A 154 13.43 12.08 19.17
N THR A 155 12.84 11.04 18.55
CA THR A 155 11.52 10.55 19.00
C THR A 155 11.69 9.94 20.41
N MET A 156 12.71 9.12 20.58
N MET A 156 12.72 9.14 20.58
CA MET A 156 13.03 8.54 21.92
CA MET A 156 13.05 8.54 21.90
C MET A 156 13.19 9.67 22.95
C MET A 156 13.25 9.65 22.97
N SER A 157 14.05 10.67 22.64
CA SER A 157 14.36 11.76 23.62
C SER A 157 13.12 12.62 23.89
N PHE A 158 12.34 12.89 22.85
CA PHE A 158 11.06 13.64 23.00
C PHE A 158 10.15 12.87 23.97
N ALA A 159 9.99 11.57 23.77
CA ALA A 159 9.05 10.79 24.60
C ALA A 159 9.61 10.62 26.02
N GLN A 160 10.90 10.43 26.15
CA GLN A 160 11.49 10.20 27.47
C GLN A 160 11.39 11.49 28.30
N ARG A 161 11.53 12.67 27.67
CA ARG A 161 11.53 13.93 28.42
C ARG A 161 10.12 14.29 28.87
N GLN A 162 9.06 13.69 28.31
CA GLN A 162 7.71 13.95 28.80
C GLN A 162 7.57 13.29 30.17
N LYS A 163 7.95 11.99 30.23
CA LYS A 163 7.84 11.10 31.40
C LYS A 163 8.79 11.59 32.51
N CYS A 169 -3.07 17.32 31.08
CA CYS A 169 -4.10 16.29 31.34
C CYS A 169 -5.45 16.69 30.71
N THR A 170 -5.73 17.99 30.59
CA THR A 170 -6.99 18.45 29.96
C THR A 170 -6.68 19.42 28.82
N SER A 171 -5.41 19.48 28.44
CA SER A 171 -4.83 20.64 27.75
C SER A 171 -3.74 20.14 26.79
N SER A 172 -3.12 19.02 27.14
CA SER A 172 -1.94 18.48 26.42
C SER A 172 -2.28 18.04 24.98
N ASN A 173 -1.42 18.40 24.04
CA ASN A 173 -1.60 17.96 22.67
C ASN A 173 -0.22 17.69 22.09
N LEU A 174 0.35 16.55 22.47
CA LEU A 174 1.78 16.23 22.07
C LEU A 174 1.79 15.50 20.73
N SER A 175 2.65 15.90 19.77
CA SER A 175 2.73 15.06 18.56
C SER A 175 4.08 15.28 17.85
N ILE A 176 4.35 14.33 16.97
CA ILE A 176 5.55 14.33 16.14
C ILE A 176 5.06 14.30 14.68
N VAL A 177 5.71 15.09 13.81
CA VAL A 177 5.40 15.02 12.40
C VAL A 177 6.72 14.73 11.68
N ASN A 178 6.70 13.68 10.85
CA ASN A 178 7.92 13.26 10.10
C ASN A 178 7.71 13.70 8.66
N LEU A 179 8.71 14.34 8.05
CA LEU A 179 8.60 14.70 6.62
C LEU A 179 9.09 13.52 5.77
N CYS A 180 8.11 12.90 5.10
CA CYS A 180 8.30 11.66 4.37
C CYS A 180 8.39 12.03 2.87
N ASP A 181 8.03 11.10 2.00
CA ASP A 181 8.25 11.38 0.57
C ASP A 181 7.13 10.65 -0.19
N ALA A 182 6.32 11.39 -0.95
CA ALA A 182 5.14 10.75 -1.57
C ALA A 182 5.57 9.73 -2.63
N MET A 183 6.79 9.88 -3.15
CA MET A 183 7.28 9.03 -4.23
C MET A 183 8.12 7.87 -3.66
N VAL A 184 7.96 7.55 -2.37
CA VAL A 184 8.79 6.50 -1.70
C VAL A 184 8.69 5.14 -2.43
N ASP A 185 7.54 4.83 -3.06
CA ASP A 185 7.36 3.56 -3.78
C ASP A 185 7.52 3.64 -5.28
N GLN A 186 7.93 4.79 -5.78
CA GLN A 186 8.31 4.92 -7.18
C GLN A 186 9.65 5.68 -7.19
N PRO A 187 10.71 5.02 -6.76
CA PRO A 187 11.94 5.75 -6.38
C PRO A 187 12.71 6.34 -7.58
N CYS A 188 13.48 7.38 -7.32
CA CYS A 188 14.35 7.93 -8.40
C CYS A 188 15.52 6.99 -8.67
N MET A 189 15.87 6.83 -9.95
CA MET A 189 17.01 6.00 -10.34
C MET A 189 18.27 6.43 -9.55
N ALA A 190 18.97 5.48 -8.93
CA ALA A 190 20.31 5.69 -8.27
C ALA A 190 20.20 6.42 -6.92
N PHE A 191 19.01 6.42 -6.29
CA PHE A 191 18.84 7.03 -4.96
C PHE A 191 18.51 5.94 -3.91
N SER A 192 19.09 4.77 -4.00
CA SER A 192 18.79 3.61 -3.08
CA SER A 192 18.70 3.65 -3.09
C SER A 192 18.87 4.02 -1.61
N LEU A 193 20.01 4.59 -1.17
CA LEU A 193 20.15 4.86 0.28
C LEU A 193 19.17 5.95 0.72
N TYR A 194 18.98 7.00 -0.08
CA TYR A 194 17.97 7.98 0.29
C TYR A 194 16.61 7.28 0.44
N ASN A 195 16.28 6.47 -0.55
CA ASN A 195 14.95 5.80 -0.56
C ASN A 195 14.82 4.85 0.65
N MET A 196 15.90 4.12 0.95
CA MET A 196 15.86 3.21 2.14
C MET A 196 15.61 4.05 3.41
N GLY A 197 16.26 5.21 3.48
CA GLY A 197 16.06 6.10 4.65
C GLY A 197 14.61 6.57 4.79
N LYS A 198 14.01 6.99 3.67
CA LYS A 198 12.61 7.46 3.72
C LYS A 198 11.65 6.29 3.99
N HIS A 199 11.96 5.09 3.48
CA HIS A 199 11.12 3.93 3.86
C HIS A 199 11.24 3.66 5.34
N ALA A 200 12.47 3.75 5.84
CA ALA A 200 12.68 3.51 7.29
C ALA A 200 11.85 4.52 8.10
N LEU A 201 11.76 5.74 7.58
CA LEU A 201 11.00 6.79 8.29
C LEU A 201 9.50 6.47 8.27
N VAL A 202 8.99 5.82 7.19
CA VAL A 202 7.58 5.37 7.21
C VAL A 202 7.44 4.36 8.37
N GLY A 203 8.35 3.40 8.41
CA GLY A 203 8.33 2.41 9.51
C GLY A 203 8.36 3.07 10.88
N LEU A 204 9.26 4.04 11.08
CA LEU A 204 9.31 4.72 12.40
C LEU A 204 7.98 5.42 12.71
N THR A 205 7.42 6.12 11.72
CA THR A 205 6.15 6.82 11.89
C THR A 205 5.07 5.86 12.43
N GLN A 206 4.99 4.64 11.85
CA GLN A 206 3.94 3.73 12.21
C GLN A 206 4.29 3.04 13.52
N SER A 207 5.53 2.61 13.68
CA SER A 207 5.98 1.99 14.94
C SER A 207 5.83 2.94 16.13
N ALA A 208 6.31 4.18 15.97
CA ALA A 208 6.21 5.16 17.07
C ALA A 208 4.75 5.53 17.35
N ALA A 209 3.90 5.62 16.30
CA ALA A 209 2.45 5.92 16.56
C ALA A 209 1.92 4.83 17.48
N LEU A 210 2.21 3.58 17.16
CA LEU A 210 1.67 2.45 17.95
CA LEU A 210 1.69 2.44 17.93
C LEU A 210 2.19 2.52 19.38
N GLU A 211 3.50 2.68 19.52
CA GLU A 211 4.14 2.58 20.84
C GLU A 211 3.87 3.78 21.72
N LEU A 212 3.70 4.99 21.14
CA LEU A 212 3.57 6.18 21.98
C LEU A 212 2.11 6.56 22.19
N ALA A 213 1.18 5.86 21.52
CA ALA A 213 -0.25 6.19 21.66
C ALA A 213 -0.67 6.17 23.15
N PRO A 214 -0.25 5.13 23.91
CA PRO A 214 -0.55 5.07 25.38
C PRO A 214 -0.09 6.30 26.16
N TYR A 215 0.92 7.03 25.66
CA TYR A 215 1.43 8.24 26.31
C TYR A 215 0.72 9.50 25.79
N GLY A 216 -0.21 9.36 24.86
CA GLY A 216 -0.90 10.53 24.31
C GLY A 216 -0.04 11.29 23.34
N ILE A 217 0.97 10.62 22.76
CA ILE A 217 1.76 11.31 21.76
C ILE A 217 1.36 10.73 20.40
N ARG A 218 0.89 11.60 19.51
CA ARG A 218 0.49 11.13 18.15
C ARG A 218 1.70 11.28 17.23
N VAL A 219 1.81 10.42 16.24
CA VAL A 219 2.97 10.44 15.32
CA VAL A 219 2.93 10.57 15.33
C VAL A 219 2.44 10.31 13.90
N ASN A 220 2.72 11.29 13.04
CA ASN A 220 2.10 11.29 11.71
C ASN A 220 3.16 11.76 10.74
N GLY A 221 2.87 11.65 9.46
CA GLY A 221 3.81 12.15 8.47
C GLY A 221 3.13 13.03 7.45
N VAL A 222 3.97 13.87 6.81
CA VAL A 222 3.54 14.69 5.66
C VAL A 222 4.47 14.31 4.52
N ALA A 223 3.89 13.94 3.35
CA ALA A 223 4.74 13.42 2.28
C ALA A 223 4.65 14.33 1.05
N PRO A 224 5.61 15.23 0.87
CA PRO A 224 5.59 16.06 -0.36
C PRO A 224 5.90 15.18 -1.57
N GLY A 225 5.48 15.66 -2.75
CA GLY A 225 5.92 15.10 -3.98
C GLY A 225 7.08 15.95 -4.50
N VAL A 226 6.76 16.93 -5.34
CA VAL A 226 7.78 17.95 -5.59
C VAL A 226 7.30 19.26 -4.97
N SER A 227 8.16 19.79 -4.12
CA SER A 227 7.95 21.08 -3.53
C SER A 227 9.13 21.92 -4.01
N LEU A 228 9.73 22.69 -3.11
CA LEU A 228 10.87 23.54 -3.51
C LEU A 228 11.94 22.66 -4.14
N LEU A 229 12.22 22.92 -5.42
CA LEU A 229 13.18 22.13 -6.13
C LEU A 229 14.58 22.47 -5.59
N PRO A 230 15.51 21.50 -5.62
CA PRO A 230 16.87 21.79 -5.12
C PRO A 230 17.45 23.05 -5.79
N VAL A 231 18.14 23.89 -4.99
CA VAL A 231 18.67 25.19 -5.50
C VAL A 231 19.66 24.93 -6.65
N ALA A 232 20.33 23.77 -6.62
CA ALA A 232 21.35 23.39 -7.63
C ALA A 232 20.74 23.28 -9.04
N MET A 233 19.42 23.06 -9.13
CA MET A 233 18.80 22.59 -10.37
C MET A 233 18.59 23.78 -11.31
N GLY A 234 18.87 23.59 -12.61
CA GLY A 234 18.55 24.63 -13.59
C GLY A 234 17.07 24.67 -13.91
N GLU A 235 16.63 25.78 -14.52
CA GLU A 235 15.21 26.03 -14.73
C GLU A 235 14.60 24.96 -15.64
N GLU A 236 15.31 24.55 -16.69
CA GLU A 236 14.80 23.49 -17.60
C GLU A 236 14.50 22.22 -16.80
N GLU A 237 15.40 21.83 -15.89
CA GLU A 237 15.26 20.55 -15.16
C GLU A 237 14.08 20.69 -14.18
N LYS A 238 13.96 21.87 -13.53
CA LYS A 238 12.77 22.22 -12.67
C LYS A 238 11.47 22.10 -13.47
N ASP A 239 11.42 22.67 -14.67
CA ASP A 239 10.19 22.61 -15.45
C ASP A 239 9.79 21.20 -15.91
N LYS A 240 10.77 20.34 -16.14
CA LYS A 240 10.44 18.94 -16.47
C LYS A 240 9.63 18.34 -15.31
N TRP A 241 10.04 18.64 -14.08
CA TRP A 241 9.34 18.08 -12.90
C TRP A 241 7.98 18.74 -12.72
N ARG A 242 7.94 20.07 -12.87
CA ARG A 242 6.66 20.80 -12.79
C ARG A 242 5.60 20.22 -13.73
N ARG A 243 5.99 19.91 -14.96
CA ARG A 243 5.05 19.48 -15.97
C ARG A 243 4.44 18.10 -15.62
N LYS A 244 5.01 17.40 -14.65
CA LYS A 244 4.48 16.03 -14.34
CA LYS A 244 4.54 16.03 -14.28
C LYS A 244 3.33 16.12 -13.34
N VAL A 245 3.14 17.27 -12.71
CA VAL A 245 2.15 17.35 -11.58
C VAL A 245 0.75 17.57 -12.14
N PRO A 246 -0.21 16.64 -11.88
CA PRO A 246 -1.59 16.82 -12.37
C PRO A 246 -2.26 18.12 -11.89
N LEU A 247 -2.13 18.43 -10.60
CA LEU A 247 -2.85 19.60 -10.06
C LEU A 247 -2.01 20.88 -10.25
N GLY A 248 -2.20 21.55 -11.41
CA GLY A 248 -1.58 22.87 -11.57
C GLY A 248 -0.24 22.83 -12.28
N ARG A 249 0.32 21.63 -12.56
CA ARG A 249 1.63 21.54 -13.29
C ARG A 249 2.66 22.45 -12.61
N ARG A 250 2.69 22.42 -11.27
CA ARG A 250 3.65 23.22 -10.54
C ARG A 250 3.97 22.48 -9.24
N GLU A 251 5.10 22.83 -8.64
CA GLU A 251 5.53 22.31 -7.34
C GLU A 251 4.68 22.92 -6.22
N ALA A 252 4.63 22.21 -5.09
CA ALA A 252 4.01 22.72 -3.88
C ALA A 252 4.86 23.90 -3.37
N SER A 253 4.20 24.94 -2.87
CA SER A 253 4.93 25.96 -2.10
C SER A 253 5.33 25.35 -0.76
N ALA A 254 6.36 25.94 -0.14
CA ALA A 254 6.73 25.51 1.20
C ALA A 254 5.54 25.69 2.14
N GLU A 255 4.77 26.77 1.97
CA GLU A 255 3.64 27.01 2.87
C GLU A 255 2.57 25.89 2.76
N GLN A 256 2.35 25.40 1.54
CA GLN A 256 1.38 24.25 1.34
C GLN A 256 1.84 23.02 2.16
N ILE A 257 3.13 22.77 2.18
CA ILE A 257 3.62 21.60 2.99
C ILE A 257 3.35 21.92 4.46
N ALA A 258 3.71 23.15 4.87
CA ALA A 258 3.60 23.53 6.27
C ALA A 258 2.13 23.46 6.71
N ASP A 259 1.21 23.80 5.81
CA ASP A 259 -0.25 23.74 6.16
C ASP A 259 -0.66 22.33 6.65
N ALA A 260 -0.10 21.28 6.04
CA ALA A 260 -0.49 19.93 6.42
C ALA A 260 0.12 19.60 7.79
N VAL A 261 1.33 20.08 8.04
CA VAL A 261 1.96 19.94 9.36
C VAL A 261 1.08 20.61 10.42
N ILE A 262 0.67 21.85 10.15
CA ILE A 262 -0.16 22.62 11.11
C ILE A 262 -1.45 21.84 11.40
N PHE A 263 -2.06 21.27 10.36
CA PHE A 263 -3.26 20.45 10.57
C PHE A 263 -2.96 19.30 11.54
N LEU A 264 -1.91 18.52 11.27
CA LEU A 264 -1.64 17.32 12.07
C LEU A 264 -1.27 17.64 13.53
N VAL A 265 -0.71 18.83 13.81
CA VAL A 265 -0.39 19.11 15.23
C VAL A 265 -1.61 19.72 15.97
N SER A 266 -2.63 20.13 15.20
CA SER A 266 -3.78 20.88 15.70
C SER A 266 -4.76 19.96 16.45
N GLY A 267 -5.70 20.58 17.15
CA GLY A 267 -6.77 19.77 17.80
C GLY A 267 -7.76 19.21 16.78
N SER A 268 -7.70 19.66 15.52
CA SER A 268 -8.54 19.07 14.46
C SER A 268 -8.02 17.69 14.03
N ALA A 269 -6.86 17.23 14.57
CA ALA A 269 -6.26 15.95 14.20
C ALA A 269 -6.06 15.08 15.45
N GLN A 270 -6.87 15.36 16.48
CA GLN A 270 -6.64 14.69 17.79
C GLN A 270 -6.85 13.17 17.74
N TYR A 271 -7.54 12.62 16.75
CA TYR A 271 -7.73 11.17 16.70
C TYR A 271 -6.83 10.56 15.61
N ILE A 272 -6.00 11.37 14.97
CA ILE A 272 -5.15 10.90 13.83
C ILE A 272 -3.76 10.55 14.36
N THR A 273 -3.38 9.30 14.19
CA THR A 273 -1.99 8.84 14.53
C THR A 273 -1.64 7.71 13.58
N GLY A 274 -0.37 7.72 13.17
CA GLY A 274 0.14 6.77 12.22
C GLY A 274 -0.26 7.08 10.79
N SER A 275 -0.81 8.26 10.51
CA SER A 275 -1.22 8.60 9.12
C SER A 275 -0.13 9.38 8.43
N ILE A 276 0.03 9.13 7.14
CA ILE A 276 0.95 9.90 6.35
C ILE A 276 0.14 10.59 5.26
N ILE A 277 0.10 11.91 5.29
CA ILE A 277 -0.69 12.68 4.30
C ILE A 277 0.21 13.09 3.12
N LYS A 278 -0.17 12.66 1.92
CA LYS A 278 0.54 13.10 0.75
C LYS A 278 0.09 14.53 0.43
N VAL A 279 1.06 15.37 0.08
CA VAL A 279 0.80 16.75 -0.38
C VAL A 279 1.58 16.87 -1.69
N ASP A 280 1.00 16.26 -2.72
CA ASP A 280 1.77 16.03 -3.94
C ASP A 280 1.08 16.38 -5.22
N GLY A 281 -0.09 16.99 -5.12
CA GLY A 281 -0.84 17.46 -6.35
C GLY A 281 -1.13 16.29 -7.28
N GLY A 282 -1.20 15.06 -6.72
CA GLY A 282 -1.52 13.90 -7.54
C GLY A 282 -0.30 13.21 -8.16
N LEU A 283 0.93 13.69 -7.92
CA LEU A 283 2.12 13.20 -8.68
C LEU A 283 2.30 11.68 -8.53
N SER A 284 2.11 11.15 -7.31
CA SER A 284 2.34 9.74 -7.03
C SER A 284 1.32 8.85 -7.75
N LEU A 285 0.24 9.40 -8.29
CA LEU A 285 -0.78 8.57 -8.96
C LEU A 285 -0.47 8.41 -10.47
N VAL A 286 0.50 9.15 -10.96
CA VAL A 286 0.76 9.23 -12.42
C VAL A 286 1.64 8.04 -12.88
N HIS A 287 1.15 7.25 -13.82
CA HIS A 287 2.01 6.15 -14.34
C HIS A 287 3.17 6.66 -15.24
N ALA A 288 4.12 5.76 -15.42
CA ALA A 288 5.24 5.92 -16.35
C ALA A 288 4.73 6.33 -17.74
N GLU B 22 -20.12 35.57 -1.74
CA GLU B 22 -21.27 34.62 -1.84
C GLU B 22 -20.85 33.24 -1.30
N ALA B 23 -21.74 32.58 -0.59
CA ALA B 23 -21.31 31.44 0.24
C ALA B 23 -21.19 30.19 -0.63
N PRO B 24 -20.17 29.34 -0.36
CA PRO B 24 -20.09 28.12 -1.19
C PRO B 24 -21.18 27.11 -0.76
N ALA B 25 -21.35 26.06 -1.56
CA ALA B 25 -22.40 25.07 -1.28
C ALA B 25 -21.83 23.65 -1.38
N ALA B 26 -22.37 22.76 -0.55
CA ALA B 26 -21.87 21.41 -0.51
C ALA B 26 -23.06 20.42 -0.53
N VAL B 27 -22.85 19.26 -1.15
CA VAL B 27 -23.77 18.14 -1.03
C VAL B 27 -23.10 17.12 -0.09
N VAL B 28 -23.86 16.61 0.88
CA VAL B 28 -23.36 15.53 1.74
C VAL B 28 -24.37 14.38 1.59
N THR B 29 -23.93 13.19 1.15
CA THR B 29 -24.87 12.06 1.03
C THR B 29 -24.99 11.36 2.38
N GLY B 30 -26.19 10.84 2.63
CA GLY B 30 -26.42 10.13 3.91
C GLY B 30 -26.20 11.06 5.10
N ALA B 31 -26.74 12.29 5.02
CA ALA B 31 -26.38 13.36 5.99
C ALA B 31 -27.35 13.48 7.16
N ALA B 32 -28.38 12.68 7.22
CA ALA B 32 -29.45 12.87 8.23
C ALA B 32 -28.91 12.47 9.61
N LYS B 33 -27.99 11.51 9.67
CA LYS B 33 -27.58 10.98 11.02
C LYS B 33 -26.07 10.73 11.08
N ARG B 34 -25.57 10.55 12.32
CA ARG B 34 -24.24 10.01 12.58
C ARG B 34 -23.17 10.83 11.83
N ILE B 35 -22.30 10.14 11.08
CA ILE B 35 -21.11 10.88 10.52
C ILE B 35 -21.54 11.93 9.48
N GLY B 36 -22.43 11.56 8.57
CA GLY B 36 -22.79 12.56 7.57
C GLY B 36 -23.49 13.77 8.19
N ARG B 37 -24.24 13.56 9.28
CA ARG B 37 -24.85 14.71 9.99
C ARG B 37 -23.77 15.65 10.53
N ALA B 38 -22.75 15.07 11.17
CA ALA B 38 -21.67 15.86 11.77
C ALA B 38 -20.90 16.63 10.69
N ILE B 39 -20.70 15.98 9.54
CA ILE B 39 -20.07 16.64 8.37
C ILE B 39 -20.92 17.82 7.90
N ALA B 40 -22.22 17.60 7.71
CA ALA B 40 -23.07 18.68 7.24
C ALA B 40 -23.04 19.88 8.23
N VAL B 41 -23.10 19.58 9.54
CA VAL B 41 -23.08 20.61 10.60
C VAL B 41 -21.76 21.39 10.53
N LYS B 42 -20.63 20.69 10.40
CA LYS B 42 -19.37 21.40 10.46
C LYS B 42 -19.18 22.20 9.19
N LEU B 43 -19.62 21.65 8.04
CA LEU B 43 -19.52 22.45 6.79
C LEU B 43 -20.39 23.71 6.94
N HIS B 44 -21.57 23.52 7.48
CA HIS B 44 -22.47 24.70 7.71
C HIS B 44 -21.78 25.74 8.62
N GLN B 45 -21.23 25.29 9.74
CA GLN B 45 -20.45 26.16 10.69
C GLN B 45 -19.29 26.90 10.00
N THR B 46 -18.73 26.31 8.94
CA THR B 46 -17.59 26.85 8.20
C THR B 46 -18.07 27.89 7.19
N GLY B 47 -19.38 27.94 6.91
CA GLY B 47 -19.92 28.95 5.96
C GLY B 47 -20.59 28.33 4.74
N TYR B 48 -20.64 26.99 4.64
CA TYR B 48 -21.27 26.38 3.46
C TYR B 48 -22.80 26.33 3.63
N ARG B 49 -23.48 26.49 2.50
CA ARG B 49 -24.90 26.08 2.39
C ARG B 49 -24.89 24.58 2.05
N VAL B 50 -25.87 23.82 2.53
CA VAL B 50 -25.75 22.35 2.41
CA VAL B 50 -25.74 22.35 2.40
C VAL B 50 -27.02 21.72 1.81
N VAL B 51 -26.80 20.73 0.93
CA VAL B 51 -27.86 19.81 0.54
C VAL B 51 -27.69 18.57 1.41
N ILE B 52 -28.71 18.26 2.22
CA ILE B 52 -28.71 17.10 3.09
C ILE B 52 -29.41 15.97 2.32
N HIS B 53 -28.62 15.06 1.73
CA HIS B 53 -29.25 13.92 1.06
C HIS B 53 -29.59 12.86 2.12
N TYR B 54 -30.70 12.18 1.88
CA TYR B 54 -31.12 11.08 2.77
C TYR B 54 -31.85 10.03 1.94
N HIS B 55 -32.07 8.85 2.52
CA HIS B 55 -32.79 7.79 1.84
C HIS B 55 -34.08 7.53 2.65
N ASN B 56 -33.92 6.94 3.80
CA ASN B 56 -35.09 6.58 4.64
C ASN B 56 -35.31 7.57 5.79
N SER B 57 -34.30 8.34 6.19
CA SER B 57 -34.44 9.10 7.47
C SER B 57 -34.98 10.52 7.20
N ALA B 58 -36.20 10.63 6.65
CA ALA B 58 -36.75 11.98 6.30
C ALA B 58 -36.91 12.88 7.55
N GLU B 59 -37.42 12.33 8.64
CA GLU B 59 -37.67 13.16 9.83
C GLU B 59 -36.35 13.74 10.36
N ALA B 60 -35.29 12.92 10.39
CA ALA B 60 -34.00 13.41 10.88
C ALA B 60 -33.39 14.40 9.86
N ALA B 61 -33.56 14.19 8.56
CA ALA B 61 -32.97 15.08 7.55
C ALA B 61 -33.64 16.46 7.69
N VAL B 62 -34.98 16.42 7.80
CA VAL B 62 -35.76 17.65 7.92
C VAL B 62 -35.40 18.37 9.23
N SER B 63 -35.26 17.65 10.34
CA SER B 63 -34.94 18.29 11.59
CA SER B 63 -34.92 18.26 11.61
C SER B 63 -33.55 18.96 11.51
N LEU B 64 -32.61 18.33 10.81
CA LEU B 64 -31.26 18.98 10.62
C LEU B 64 -31.40 20.23 9.77
N ALA B 65 -32.16 20.13 8.66
CA ALA B 65 -32.33 21.31 7.78
C ALA B 65 -32.99 22.45 8.58
N ASP B 66 -33.97 22.14 9.39
CA ASP B 66 -34.61 23.22 10.13
C ASP B 66 -33.66 23.85 11.12
N GLU B 67 -32.83 23.04 11.80
CA GLU B 67 -31.87 23.57 12.78
C GLU B 67 -30.89 24.51 12.07
N LEU B 68 -30.37 24.07 10.94
CA LEU B 68 -29.37 24.88 10.17
C LEU B 68 -30.01 26.17 9.62
N ASN B 69 -31.22 26.07 9.08
CA ASN B 69 -31.90 27.26 8.57
C ASN B 69 -32.29 28.22 9.69
N LYS B 70 -32.55 27.70 10.89
CA LYS B 70 -32.75 28.58 12.07
C LYS B 70 -31.47 29.35 12.37
N GLU B 71 -30.30 28.69 12.24
CA GLU B 71 -29.01 29.39 12.40
C GLU B 71 -28.78 30.45 11.32
N ARG B 72 -29.04 30.13 10.05
CA ARG B 72 -28.90 31.09 8.94
CA ARG B 72 -28.94 31.11 8.97
C ARG B 72 -29.95 30.74 7.89
N SER B 73 -30.87 31.67 7.60
CA SER B 73 -32.01 31.36 6.70
C SER B 73 -31.53 30.93 5.32
N ASN B 74 -32.25 29.98 4.74
CA ASN B 74 -32.07 29.56 3.34
C ASN B 74 -30.64 29.03 3.12
N THR B 75 -30.14 28.24 4.08
CA THR B 75 -28.78 27.69 3.91
C THR B 75 -28.77 26.15 3.91
N ALA B 76 -29.94 25.51 4.03
CA ALA B 76 -29.98 24.03 4.02
C ALA B 76 -31.23 23.58 3.28
N VAL B 77 -31.09 22.57 2.40
CA VAL B 77 -32.28 21.90 1.81
C VAL B 77 -32.03 20.38 1.96
N VAL B 78 -33.09 19.59 1.85
CA VAL B 78 -32.97 18.11 1.83
C VAL B 78 -33.21 17.60 0.41
N CYS B 79 -32.68 16.40 0.12
CA CYS B 79 -32.86 15.76 -1.18
C CYS B 79 -32.97 14.25 -0.93
N GLN B 80 -34.12 13.68 -1.26
CA GLN B 80 -34.29 12.21 -1.03
C GLN B 80 -33.84 11.41 -2.27
N ALA B 81 -33.09 10.32 -2.05
CA ALA B 81 -32.79 9.39 -3.17
C ALA B 81 -32.29 8.07 -2.61
N ASP B 82 -32.72 6.97 -3.23
CA ASP B 82 -32.08 5.67 -2.99
C ASP B 82 -30.80 5.61 -3.84
N LEU B 83 -29.68 5.19 -3.22
CA LEU B 83 -28.38 5.18 -3.96
C LEU B 83 -28.02 3.74 -4.33
N THR B 84 -28.98 2.81 -4.12
CA THR B 84 -28.86 1.42 -4.65
C THR B 84 -28.60 1.48 -6.17
N ASN B 85 -27.73 0.61 -6.72
CA ASN B 85 -27.51 0.59 -8.17
C ASN B 85 -28.80 0.11 -8.86
N SER B 86 -29.16 0.79 -9.95
CA SER B 86 -30.32 0.43 -10.80
C SER B 86 -30.20 1.23 -12.10
N ASN B 87 -31.12 0.97 -13.01
N ASN B 87 -31.06 1.04 -13.08
CA ASN B 87 -31.26 1.70 -14.27
CA ASN B 87 -30.92 1.88 -14.29
C ASN B 87 -31.43 3.20 -14.01
C ASN B 87 -31.46 3.30 -14.06
N VAL B 88 -32.05 3.57 -12.89
CA VAL B 88 -32.42 4.98 -12.58
C VAL B 88 -31.34 5.65 -11.74
N LEU B 89 -30.33 4.92 -11.29
CA LEU B 89 -29.36 5.59 -10.36
C LEU B 89 -28.66 6.79 -11.02
N PRO B 90 -28.26 6.67 -12.29
CA PRO B 90 -27.61 7.85 -12.87
C PRO B 90 -28.52 9.10 -12.84
N ALA B 91 -29.79 8.93 -13.14
CA ALA B 91 -30.70 10.09 -13.07
C ALA B 91 -30.83 10.61 -11.64
N SER B 92 -30.92 9.71 -10.66
CA SER B 92 -30.99 10.09 -9.25
C SER B 92 -29.76 10.91 -8.85
N CYS B 93 -28.57 10.49 -9.29
CA CYS B 93 -27.34 11.18 -8.86
C CYS B 93 -27.26 12.55 -9.55
N GLU B 94 -27.69 12.60 -10.81
CA GLU B 94 -27.73 13.88 -11.51
CA GLU B 94 -27.78 13.87 -11.53
C GLU B 94 -28.69 14.86 -10.80
N GLU B 95 -29.80 14.36 -10.26
CA GLU B 95 -30.81 15.14 -9.55
C GLU B 95 -30.27 15.66 -8.21
N ILE B 96 -29.49 14.84 -7.47
CA ILE B 96 -28.87 15.33 -6.24
C ILE B 96 -27.98 16.53 -6.59
N ILE B 97 -27.10 16.38 -7.57
CA ILE B 97 -26.21 17.50 -7.87
C ILE B 97 -27.06 18.70 -8.31
N ASN B 98 -28.06 18.43 -9.15
CA ASN B 98 -28.91 19.53 -9.70
C ASN B 98 -29.61 20.28 -8.57
N SER B 99 -30.04 19.55 -7.52
CA SER B 99 -30.74 20.18 -6.42
C SER B 99 -29.84 21.23 -5.74
N CYS B 100 -28.52 20.98 -5.68
CA CYS B 100 -27.59 21.94 -5.11
C CYS B 100 -27.55 23.21 -5.99
N PHE B 101 -27.44 23.05 -7.30
CA PHE B 101 -27.46 24.23 -8.22
C PHE B 101 -28.82 24.97 -8.16
N ARG B 102 -29.95 24.25 -8.09
CA ARG B 102 -31.25 24.93 -8.01
C ARG B 102 -31.39 25.70 -6.69
N ALA B 103 -30.93 25.13 -5.57
CA ALA B 103 -31.09 25.79 -4.26
C ALA B 103 -30.10 26.95 -4.15
N PHE B 104 -28.86 26.79 -4.66
CA PHE B 104 -27.80 27.66 -4.17
C PHE B 104 -27.01 28.26 -5.33
N GLY B 105 -27.25 27.80 -6.56
CA GLY B 105 -26.65 28.39 -7.79
C GLY B 105 -25.21 27.94 -8.02
N ARG B 106 -24.74 26.97 -7.22
CA ARG B 106 -23.34 26.52 -7.29
C ARG B 106 -23.24 25.21 -6.52
N CYS B 107 -22.20 24.46 -6.79
CA CYS B 107 -21.91 23.23 -6.00
C CYS B 107 -20.39 23.11 -5.93
N ASP B 108 -19.85 23.40 -4.75
CA ASP B 108 -18.38 23.52 -4.58
C ASP B 108 -17.79 22.25 -4.03
N VAL B 109 -18.58 21.55 -3.19
CA VAL B 109 -18.05 20.37 -2.46
C VAL B 109 -19.08 19.22 -2.60
N LEU B 110 -18.58 18.02 -2.89
CA LEU B 110 -19.39 16.78 -2.78
C LEU B 110 -18.74 15.88 -1.74
N VAL B 111 -19.53 15.43 -0.76
CA VAL B 111 -19.05 14.47 0.23
C VAL B 111 -19.81 13.16 0.04
N ASN B 112 -19.10 12.10 -0.36
CA ASN B 112 -19.73 10.81 -0.59
C ASN B 112 -19.63 10.01 0.72
N ASN B 113 -20.69 10.11 1.53
CA ASN B 113 -20.68 9.56 2.89
C ASN B 113 -21.65 8.37 2.98
N ALA B 114 -22.77 8.38 2.26
CA ALA B 114 -23.82 7.33 2.41
C ALA B 114 -23.20 5.95 2.15
N SER B 115 -23.64 4.96 2.93
CA SER B 115 -22.97 3.66 2.82
C SER B 115 -23.92 2.59 3.39
N ALA B 116 -24.08 1.48 2.66
CA ALA B 116 -24.69 0.25 3.21
C ALA B 116 -23.58 -0.65 3.74
N PHE B 117 -23.86 -1.36 4.85
CA PHE B 117 -22.88 -2.09 5.57
C PHE B 117 -23.56 -3.27 6.25
N TYR B 118 -23.29 -4.47 5.77
CA TYR B 118 -23.81 -5.73 6.34
C TYR B 118 -23.06 -6.90 5.69
N PRO B 119 -23.05 -8.05 6.36
CA PRO B 119 -22.28 -9.18 5.88
C PRO B 119 -22.92 -9.88 4.68
N THR B 120 -22.09 -10.43 3.80
CA THR B 120 -22.50 -11.19 2.64
C THR B 120 -21.61 -12.45 2.55
N PRO B 121 -21.86 -13.44 3.41
CA PRO B 121 -20.97 -14.61 3.49
C PRO B 121 -20.86 -15.33 2.15
N LEU B 122 -19.66 -15.80 1.84
CA LEU B 122 -19.43 -16.53 0.60
C LEU B 122 -20.01 -17.93 0.72
N VAL B 123 -20.07 -18.46 1.95
CA VAL B 123 -20.64 -19.84 2.10
C VAL B 123 -21.84 -19.85 3.08
N GLN B 124 -22.90 -20.55 2.65
CA GLN B 124 -24.15 -20.75 3.40
C GLN B 124 -24.00 -21.97 4.35
N GLY B 133 -33.34 -11.63 3.72
CA GLY B 133 -33.94 -12.37 2.62
C GLY B 133 -33.67 -11.70 1.28
N LYS B 134 -32.64 -10.84 1.23
CA LYS B 134 -32.27 -10.19 -0.02
C LYS B 134 -31.60 -11.22 -0.94
N THR B 135 -31.87 -11.12 -2.22
CA THR B 135 -31.10 -11.91 -3.14
C THR B 135 -29.66 -11.35 -3.17
N VAL B 136 -28.76 -12.16 -3.68
CA VAL B 136 -27.37 -11.68 -3.72
CA VAL B 136 -27.36 -11.73 -3.78
C VAL B 136 -27.27 -10.50 -4.71
N GLU B 137 -28.08 -10.48 -5.79
CA GLU B 137 -27.94 -9.32 -6.71
C GLU B 137 -28.47 -8.03 -6.08
N THR B 138 -29.47 -8.12 -5.20
CA THR B 138 -29.87 -6.96 -4.42
C THR B 138 -28.72 -6.48 -3.52
N GLN B 139 -28.04 -7.44 -2.88
CA GLN B 139 -26.90 -7.13 -1.99
C GLN B 139 -25.80 -6.46 -2.81
N VAL B 140 -25.56 -6.98 -4.00
CA VAL B 140 -24.60 -6.32 -4.92
C VAL B 140 -25.06 -4.89 -5.20
N ALA B 141 -26.30 -4.73 -5.62
CA ALA B 141 -26.79 -3.37 -5.98
C ALA B 141 -26.69 -2.42 -4.76
N GLU B 142 -26.99 -2.91 -3.55
CA GLU B 142 -26.95 -2.02 -2.39
C GLU B 142 -25.51 -1.70 -1.94
N LEU B 143 -24.68 -2.72 -1.79
CA LEU B 143 -23.37 -2.54 -1.22
C LEU B 143 -22.43 -1.93 -2.27
N ILE B 144 -22.47 -2.39 -3.52
CA ILE B 144 -21.58 -1.79 -4.53
C ILE B 144 -22.19 -0.46 -5.01
N GLY B 145 -23.50 -0.38 -5.10
CA GLY B 145 -24.12 0.93 -5.52
C GLY B 145 -23.86 2.06 -4.51
N THR B 146 -24.19 1.85 -3.22
CA THR B 146 -24.00 2.96 -2.28
C THR B 146 -22.51 3.32 -2.12
N ASN B 147 -21.63 2.30 -2.02
CA ASN B 147 -20.25 2.56 -1.60
C ASN B 147 -19.39 2.97 -2.80
N ALA B 148 -19.81 2.66 -4.02
CA ALA B 148 -18.88 2.85 -5.17
C ALA B 148 -19.60 3.44 -6.40
N ILE B 149 -20.70 2.83 -6.87
CA ILE B 149 -21.31 3.28 -8.13
CA ILE B 149 -21.31 3.30 -8.13
C ILE B 149 -21.93 4.69 -7.94
N ALA B 150 -22.69 4.86 -6.87
CA ALA B 150 -23.28 6.21 -6.66
C ALA B 150 -22.18 7.28 -6.52
N PRO B 151 -21.10 7.02 -5.71
CA PRO B 151 -20.00 8.03 -5.70
C PRO B 151 -19.48 8.34 -7.11
N PHE B 152 -19.33 7.31 -7.96
CA PHE B 152 -18.82 7.54 -9.33
C PHE B 152 -19.79 8.41 -10.15
N LEU B 153 -21.08 8.07 -10.12
CA LEU B 153 -22.12 8.84 -10.86
C LEU B 153 -22.26 10.27 -10.30
N LEU B 154 -22.21 10.41 -8.96
CA LEU B 154 -22.23 11.76 -8.34
C LEU B 154 -21.00 12.56 -8.78
N THR B 155 -19.86 11.89 -8.85
CA THR B 155 -18.59 12.53 -9.24
C THR B 155 -18.72 13.01 -10.71
N MET B 156 -19.26 12.15 -11.57
CA MET B 156 -19.48 12.51 -13.00
CA MET B 156 -19.48 12.50 -12.99
C MET B 156 -20.39 13.74 -13.09
N SER B 157 -21.50 13.70 -12.36
CA SER B 157 -22.48 14.80 -12.43
C SER B 157 -21.88 16.09 -11.86
N PHE B 158 -21.15 15.96 -10.76
CA PHE B 158 -20.49 17.13 -10.16
C PHE B 158 -19.53 17.78 -11.17
N ALA B 159 -18.71 16.98 -11.83
CA ALA B 159 -17.68 17.52 -12.71
C ALA B 159 -18.33 18.10 -13.97
N GLN B 160 -19.32 17.39 -14.52
CA GLN B 160 -19.99 17.81 -15.77
C GLN B 160 -20.62 19.20 -15.55
N ARG B 161 -21.20 19.44 -14.38
CA ARG B 161 -21.84 20.72 -14.07
C ARG B 161 -20.85 21.87 -13.91
N GLN B 162 -19.57 21.62 -13.69
CA GLN B 162 -18.64 22.72 -13.39
C GLN B 162 -18.21 23.41 -14.69
N SER B 172 -11.72 29.92 -6.61
CA SER B 172 -12.58 28.76 -6.32
C SER B 172 -11.77 27.56 -5.79
N ASN B 173 -12.50 26.65 -5.16
CA ASN B 173 -11.92 25.60 -4.38
C ASN B 173 -12.91 24.43 -4.42
N LEU B 174 -12.90 23.79 -5.57
CA LEU B 174 -13.84 22.65 -5.83
C LEU B 174 -13.19 21.38 -5.30
N SER B 175 -13.91 20.61 -4.52
CA SER B 175 -13.34 19.33 -4.17
C SER B 175 -14.43 18.30 -3.77
N ILE B 176 -14.00 17.04 -3.82
CA ILE B 176 -14.82 15.88 -3.48
C ILE B 176 -14.11 15.16 -2.34
N VAL B 177 -14.88 14.71 -1.34
CA VAL B 177 -14.28 13.92 -0.27
C VAL B 177 -15.08 12.61 -0.19
N ASN B 178 -14.40 11.46 -0.28
CA ASN B 178 -15.06 10.13 -0.23
C ASN B 178 -14.80 9.49 1.13
N LEU B 179 -15.83 8.99 1.81
CA LEU B 179 -15.61 8.33 3.11
C LEU B 179 -15.21 6.87 2.84
N CYS B 180 -13.93 6.59 3.12
CA CYS B 180 -13.31 5.32 2.83
C CYS B 180 -13.31 4.51 4.13
N ASP B 181 -12.39 3.58 4.29
CA ASP B 181 -12.39 2.70 5.50
C ASP B 181 -10.91 2.37 5.79
N ALA B 182 -10.43 2.72 6.99
CA ALA B 182 -9.02 2.55 7.30
C ALA B 182 -8.66 1.04 7.32
N MET B 183 -9.68 0.17 7.46
CA MET B 183 -9.45 -1.29 7.61
C MET B 183 -9.66 -1.99 6.26
N VAL B 184 -9.56 -1.27 5.14
CA VAL B 184 -9.96 -1.85 3.87
C VAL B 184 -9.02 -3.01 3.48
N ASP B 185 -7.78 -3.00 3.96
CA ASP B 185 -6.86 -4.12 3.71
C ASP B 185 -6.73 -5.14 4.85
N GLN B 186 -7.55 -5.02 5.88
CA GLN B 186 -7.68 -6.09 6.89
C GLN B 186 -9.18 -6.29 7.13
N PRO B 187 -9.84 -6.91 6.16
CA PRO B 187 -11.30 -6.90 6.06
C PRO B 187 -12.00 -7.68 7.21
N CYS B 188 -13.20 -7.28 7.59
CA CYS B 188 -13.99 -8.10 8.52
C CYS B 188 -14.42 -9.38 7.79
N MET B 189 -14.38 -10.49 8.54
CA MET B 189 -14.82 -11.77 8.06
C MET B 189 -16.25 -11.69 7.50
N ALA B 190 -16.47 -12.18 6.28
CA ALA B 190 -17.80 -12.34 5.65
C ALA B 190 -18.39 -11.00 5.18
N PHE B 191 -17.55 -9.98 4.97
CA PHE B 191 -18.00 -8.67 4.44
C PHE B 191 -17.39 -8.44 3.04
N SER B 192 -17.38 -9.46 2.20
CA SER B 192 -16.66 -9.32 0.93
CA SER B 192 -16.75 -9.39 0.87
C SER B 192 -17.28 -8.22 0.05
N LEU B 193 -18.62 -8.17 -0.14
CA LEU B 193 -19.15 -7.19 -1.04
C LEU B 193 -18.94 -5.77 -0.49
N TYR B 194 -19.16 -5.59 0.82
CA TYR B 194 -18.88 -4.29 1.46
C TYR B 194 -17.41 -3.90 1.15
N ASN B 195 -16.49 -4.85 1.37
CA ASN B 195 -15.06 -4.55 1.26
C ASN B 195 -14.72 -4.23 -0.20
N MET B 196 -15.34 -4.96 -1.11
CA MET B 196 -15.12 -4.71 -2.55
C MET B 196 -15.61 -3.29 -2.89
N GLY B 197 -16.78 -2.89 -2.33
CA GLY B 197 -17.27 -1.52 -2.60
C GLY B 197 -16.28 -0.48 -2.07
N LYS B 198 -15.74 -0.71 -0.88
CA LYS B 198 -14.79 0.30 -0.31
C LYS B 198 -13.47 0.29 -1.09
N HIS B 199 -13.05 -0.88 -1.59
CA HIS B 199 -11.84 -0.89 -2.37
C HIS B 199 -12.08 -0.14 -3.67
N ALA B 200 -13.26 -0.34 -4.24
CA ALA B 200 -13.58 0.37 -5.51
C ALA B 200 -13.56 1.87 -5.26
N LEU B 201 -14.03 2.28 -4.08
CA LEU B 201 -14.05 3.72 -3.78
C LEU B 201 -12.62 4.29 -3.70
N VAL B 202 -11.66 3.48 -3.21
CA VAL B 202 -10.24 3.92 -3.20
C VAL B 202 -9.85 4.17 -4.66
N GLY B 203 -10.23 3.24 -5.53
CA GLY B 203 -9.83 3.41 -6.92
C GLY B 203 -10.49 4.63 -7.54
N LEU B 204 -11.78 4.85 -7.25
CA LEU B 204 -12.45 6.07 -7.75
C LEU B 204 -11.71 7.32 -7.24
N THR B 205 -11.41 7.36 -5.93
CA THR B 205 -10.73 8.55 -5.33
C THR B 205 -9.46 8.85 -6.14
N GLN B 206 -8.67 7.80 -6.47
CA GLN B 206 -7.40 8.03 -7.16
C GLN B 206 -7.63 8.37 -8.63
N SER B 207 -8.52 7.62 -9.28
CA SER B 207 -8.78 7.83 -10.70
C SER B 207 -9.37 9.23 -10.92
N ALA B 208 -10.36 9.59 -10.09
CA ALA B 208 -11.00 10.92 -10.23
C ALA B 208 -10.01 12.05 -9.90
N ALA B 209 -9.14 11.84 -8.91
CA ALA B 209 -8.15 12.89 -8.63
C ALA B 209 -7.29 13.17 -9.88
N LEU B 210 -6.84 12.11 -10.52
CA LEU B 210 -6.00 12.27 -11.71
CA LEU B 210 -6.00 12.33 -11.69
C LEU B 210 -6.81 12.95 -12.83
N GLU B 211 -8.00 12.43 -13.11
CA GLU B 211 -8.77 12.88 -14.29
C GLU B 211 -9.30 14.32 -14.10
N LEU B 212 -9.66 14.71 -12.86
CA LEU B 212 -10.31 16.02 -12.64
C LEU B 212 -9.30 17.10 -12.24
N ALA B 213 -8.03 16.74 -12.01
CA ALA B 213 -6.99 17.71 -11.62
C ALA B 213 -6.92 18.84 -12.66
N PRO B 214 -7.01 18.54 -13.96
CA PRO B 214 -6.96 19.66 -14.96
C PRO B 214 -8.14 20.64 -14.90
N TYR B 215 -9.24 20.26 -14.26
CA TYR B 215 -10.39 21.09 -14.08
C TYR B 215 -10.33 21.78 -12.71
N GLY B 216 -9.27 21.55 -11.96
CA GLY B 216 -9.08 22.20 -10.67
C GLY B 216 -9.95 21.57 -9.60
N ILE B 217 -10.38 20.32 -9.78
CA ILE B 217 -11.21 19.70 -8.77
C ILE B 217 -10.32 18.70 -8.04
N ARG B 218 -10.21 18.86 -6.73
CA ARG B 218 -9.42 17.91 -5.94
C ARG B 218 -10.32 16.76 -5.49
N VAL B 219 -9.74 15.58 -5.27
CA VAL B 219 -10.56 14.41 -4.86
C VAL B 219 -9.75 13.67 -3.80
N ASN B 220 -10.33 13.50 -2.61
CA ASN B 220 -9.55 12.94 -1.50
C ASN B 220 -10.47 12.06 -0.69
N GLY B 221 -9.92 11.35 0.28
CA GLY B 221 -10.74 10.52 1.14
C GLY B 221 -10.39 10.67 2.60
N VAL B 222 -11.37 10.31 3.42
CA VAL B 222 -11.19 10.26 4.88
C VAL B 222 -11.57 8.84 5.26
N ALA B 223 -10.70 8.16 5.98
CA ALA B 223 -10.88 6.72 6.23
C ALA B 223 -11.02 6.49 7.75
N PRO B 224 -12.25 6.41 8.26
CA PRO B 224 -12.37 6.19 9.70
C PRO B 224 -11.90 4.77 10.00
N GLY B 225 -11.51 4.52 11.26
CA GLY B 225 -11.32 3.12 11.71
C GLY B 225 -12.61 2.63 12.35
N VAL B 226 -12.73 2.87 13.66
CA VAL B 226 -14.04 2.70 14.27
CA VAL B 226 -14.00 2.68 14.36
C VAL B 226 -14.47 4.06 14.81
N SER B 227 -15.69 4.42 14.40
CA SER B 227 -16.24 5.65 14.86
C SER B 227 -17.56 5.29 15.55
N LEU B 228 -18.58 6.12 15.44
CA LEU B 228 -19.86 5.83 16.11
C LEU B 228 -20.23 4.36 15.91
N LEU B 229 -20.37 3.67 17.04
CA LEU B 229 -20.79 2.29 17.03
C LEU B 229 -22.32 2.24 17.10
N PRO B 230 -22.92 1.08 16.74
CA PRO B 230 -24.42 1.01 16.83
C PRO B 230 -24.92 1.21 18.27
N VAL B 231 -26.01 1.99 18.46
CA VAL B 231 -26.56 2.25 19.82
C VAL B 231 -27.00 0.91 20.43
N ALA B 232 -27.54 0.02 19.58
CA ALA B 232 -28.08 -1.31 19.97
C ALA B 232 -26.95 -2.30 20.32
N MET B 233 -25.73 -2.08 19.81
CA MET B 233 -24.62 -2.98 20.13
C MET B 233 -24.40 -2.97 21.65
N GLY B 234 -24.27 -4.16 22.26
CA GLY B 234 -24.04 -4.24 23.69
C GLY B 234 -22.73 -3.55 24.05
N GLU B 235 -22.72 -2.83 25.17
CA GLU B 235 -21.48 -2.16 25.68
C GLU B 235 -20.30 -3.15 25.79
N GLU B 236 -20.56 -4.41 26.17
CA GLU B 236 -19.49 -5.41 26.25
C GLU B 236 -18.81 -5.56 24.85
N GLU B 237 -19.62 -5.55 23.76
CA GLU B 237 -19.07 -5.67 22.39
C GLU B 237 -18.42 -4.34 21.97
N LYS B 238 -19.02 -3.21 22.37
CA LYS B 238 -18.45 -1.90 21.98
C LYS B 238 -17.09 -1.76 22.63
N ASP B 239 -17.01 -2.24 23.89
CA ASP B 239 -15.77 -2.14 24.62
C ASP B 239 -14.68 -3.03 24.01
N LYS B 240 -15.05 -4.20 23.45
CA LYS B 240 -14.06 -5.04 22.73
C LYS B 240 -13.40 -4.23 21.60
N TRP B 241 -14.21 -3.46 20.87
CA TRP B 241 -13.68 -2.65 19.77
C TRP B 241 -12.86 -1.48 20.31
N ARG B 242 -13.37 -0.81 21.34
CA ARG B 242 -12.72 0.40 21.88
C ARG B 242 -11.34 -0.01 22.40
N ARG B 243 -11.22 -1.19 23.04
CA ARG B 243 -9.93 -1.61 23.63
C ARG B 243 -8.86 -1.89 22.56
N LYS B 244 -9.25 -2.10 21.31
CA LYS B 244 -8.26 -2.34 20.22
C LYS B 244 -7.59 -1.02 19.79
N VAL B 245 -8.18 0.14 20.10
CA VAL B 245 -7.65 1.39 19.52
C VAL B 245 -6.49 1.89 20.38
N PRO B 246 -5.28 1.99 19.80
CA PRO B 246 -4.11 2.49 20.55
C PRO B 246 -4.36 3.87 21.18
N LEU B 247 -4.88 4.82 20.40
CA LEU B 247 -4.98 6.18 20.85
C LEU B 247 -6.23 6.39 21.70
N GLY B 248 -6.14 6.20 23.03
CA GLY B 248 -7.28 6.55 23.90
C GLY B 248 -8.23 5.40 24.16
N ARG B 249 -8.08 4.24 23.48
CA ARG B 249 -8.98 3.09 23.66
C ARG B 249 -10.43 3.56 23.60
N ARG B 250 -10.75 4.28 22.53
CA ARG B 250 -12.13 4.82 22.32
C ARG B 250 -12.36 5.10 20.83
N GLU B 251 -13.57 4.85 20.34
CA GLU B 251 -13.91 5.10 18.95
C GLU B 251 -13.82 6.61 18.65
N ALA B 252 -13.72 6.96 17.36
CA ALA B 252 -13.74 8.37 16.96
C ALA B 252 -15.17 8.92 17.11
N SER B 253 -15.24 10.16 17.54
CA SER B 253 -16.54 10.89 17.44
C SER B 253 -16.83 11.17 15.96
N ALA B 254 -18.10 11.38 15.65
CA ALA B 254 -18.40 11.81 14.23
C ALA B 254 -17.70 13.13 13.94
N GLU B 255 -17.56 13.98 14.97
CA GLU B 255 -16.99 15.30 14.78
C GLU B 255 -15.51 15.21 14.41
N GLN B 256 -14.82 14.21 15.00
CA GLN B 256 -13.37 14.01 14.65
C GLN B 256 -13.23 13.61 13.17
N ILE B 257 -14.17 12.80 12.69
CA ILE B 257 -14.16 12.44 11.26
C ILE B 257 -14.45 13.71 10.45
N ALA B 258 -15.45 14.50 10.89
CA ALA B 258 -15.80 15.73 10.15
C ALA B 258 -14.63 16.70 10.08
N ASP B 259 -13.84 16.75 11.15
CA ASP B 259 -12.70 17.70 11.15
C ASP B 259 -11.71 17.41 9.97
N ALA B 260 -11.53 16.12 9.63
CA ALA B 260 -10.60 15.80 8.50
C ALA B 260 -11.24 16.23 7.19
N VAL B 261 -12.55 16.03 7.09
CA VAL B 261 -13.29 16.49 5.88
C VAL B 261 -13.12 18.01 5.73
N ILE B 262 -13.29 18.76 6.80
CA ILE B 262 -13.17 20.24 6.77
C ILE B 262 -11.76 20.66 6.34
N PHE B 263 -10.73 19.97 6.87
CA PHE B 263 -9.37 20.22 6.38
C PHE B 263 -9.28 20.01 4.87
N LEU B 264 -9.73 18.86 4.37
CA LEU B 264 -9.55 18.54 2.93
C LEU B 264 -10.27 19.52 1.99
N VAL B 265 -11.41 20.06 2.41
CA VAL B 265 -12.12 21.00 1.52
C VAL B 265 -11.55 22.42 1.67
N SER B 266 -10.67 22.65 2.65
CA SER B 266 -10.21 24.02 2.99
C SER B 266 -9.08 24.49 2.06
N GLY B 267 -8.77 25.79 2.13
CA GLY B 267 -7.60 26.33 1.42
C GLY B 267 -6.27 25.82 1.98
N SER B 268 -6.28 25.17 3.15
CA SER B 268 -5.07 24.57 3.75
C SER B 268 -4.71 23.22 3.08
N ALA B 269 -5.56 22.74 2.15
CA ALA B 269 -5.35 21.47 1.47
C ALA B 269 -5.32 21.71 -0.05
N GLN B 270 -4.97 22.92 -0.48
CA GLN B 270 -5.18 23.24 -1.90
CA GLN B 270 -5.13 23.30 -1.91
C GLN B 270 -4.23 22.48 -2.83
N TYR B 271 -3.20 21.85 -2.31
CA TYR B 271 -2.30 21.09 -3.19
C TYR B 271 -2.51 19.58 -2.95
N ILE B 272 -3.52 19.24 -2.12
CA ILE B 272 -3.72 17.81 -1.78
C ILE B 272 -4.81 17.22 -2.69
N THR B 273 -4.44 16.19 -3.47
CA THR B 273 -5.45 15.45 -4.27
C THR B 273 -4.99 14.01 -4.35
N GLY B 274 -5.97 13.11 -4.34
CA GLY B 274 -5.66 11.71 -4.41
C GLY B 274 -5.23 11.14 -3.07
N SER B 275 -5.41 11.87 -1.97
CA SER B 275 -4.85 11.44 -0.68
C SER B 275 -6.00 10.92 0.16
N ILE B 276 -5.75 9.85 0.91
CA ILE B 276 -6.76 9.34 1.81
C ILE B 276 -6.20 9.43 3.22
N ILE B 277 -6.85 10.24 4.07
CA ILE B 277 -6.37 10.48 5.45
C ILE B 277 -7.05 9.48 6.38
N LYS B 278 -6.29 8.58 7.05
CA LYS B 278 -6.94 7.72 8.02
C LYS B 278 -7.19 8.53 9.29
N VAL B 279 -8.38 8.33 9.88
CA VAL B 279 -8.71 8.96 11.15
C VAL B 279 -9.16 7.80 12.04
N ASP B 280 -8.17 7.11 12.57
CA ASP B 280 -8.44 5.77 13.13
C ASP B 280 -7.74 5.49 14.44
N GLY B 281 -7.10 6.50 15.00
CA GLY B 281 -6.45 6.33 16.36
C GLY B 281 -5.38 5.24 16.35
N GLY B 282 -4.84 4.91 15.17
CA GLY B 282 -3.80 3.87 15.07
C GLY B 282 -4.33 2.44 14.84
N LEU B 283 -5.65 2.27 14.77
CA LEU B 283 -6.27 0.92 14.70
C LEU B 283 -5.70 0.08 13.53
N SER B 284 -5.53 0.67 12.35
CA SER B 284 -5.06 -0.10 11.18
C SER B 284 -3.62 -0.57 11.34
N LEU B 285 -2.88 -0.09 12.34
CA LEU B 285 -1.47 -0.47 12.51
C LEU B 285 -1.36 -1.66 13.48
N VAL B 286 -2.50 -2.10 14.03
CA VAL B 286 -2.48 -3.16 15.07
C VAL B 286 -2.59 -4.54 14.43
N HIS B 287 -1.59 -5.38 14.72
CA HIS B 287 -1.54 -6.76 14.20
C HIS B 287 -2.57 -7.62 14.95
N ALA B 288 -2.90 -8.79 14.40
CA ALA B 288 -3.94 -9.67 14.96
C ALA B 288 -3.48 -10.26 16.30
N ALA C 23 26.82 -25.04 -14.10
CA ALA C 23 25.80 -24.96 -13.00
C ALA C 23 25.85 -23.54 -12.41
N PRO C 24 24.64 -22.97 -12.12
CA PRO C 24 24.66 -21.62 -11.51
C PRO C 24 25.10 -21.66 -10.03
N ALA C 25 25.43 -20.47 -9.46
CA ALA C 25 25.92 -20.42 -8.08
C ALA C 25 25.12 -19.36 -7.32
N ALA C 26 24.85 -19.66 -6.07
CA ALA C 26 24.09 -18.70 -5.15
C ALA C 26 24.86 -18.42 -3.87
N VAL C 27 24.70 -17.16 -3.38
CA VAL C 27 25.11 -16.81 -2.01
C VAL C 27 23.86 -16.74 -1.11
N VAL C 28 23.88 -17.41 0.02
CA VAL C 28 22.78 -17.27 0.99
C VAL C 28 23.37 -16.78 2.31
N THR C 29 22.90 -15.61 2.81
CA THR C 29 23.43 -15.10 4.08
C THR C 29 22.66 -15.72 5.24
N GLY C 30 23.32 -15.86 6.36
CA GLY C 30 22.67 -16.49 7.53
C GLY C 30 22.18 -17.89 7.21
N ALA C 31 22.98 -18.68 6.47
CA ALA C 31 22.50 -19.92 5.86
C ALA C 31 22.72 -21.13 6.78
N ALA C 32 23.22 -20.97 8.01
CA ALA C 32 23.59 -22.17 8.78
C ALA C 32 22.36 -22.79 9.43
N LYS C 33 21.31 -21.99 9.66
CA LYS C 33 20.17 -22.52 10.41
C LYS C 33 18.85 -22.04 9.80
N ARG C 34 17.78 -22.71 10.23
CA ARG C 34 16.38 -22.23 10.04
C ARG C 34 16.11 -21.88 8.57
N ILE C 35 15.62 -20.66 8.29
CA ILE C 35 15.11 -20.39 6.91
C ILE C 35 16.27 -20.39 5.92
N GLY C 36 17.38 -19.76 6.33
CA GLY C 36 18.51 -19.66 5.41
C GLY C 36 19.03 -21.06 5.06
N ARG C 37 19.05 -21.97 6.05
CA ARG C 37 19.49 -23.35 5.76
C ARG C 37 18.53 -24.00 4.76
N ALA C 38 17.21 -23.84 4.96
CA ALA C 38 16.26 -24.49 4.06
C ALA C 38 16.39 -23.94 2.64
N ILE C 39 16.63 -22.63 2.52
CA ILE C 39 16.84 -21.99 1.23
C ILE C 39 18.11 -22.54 0.56
N ALA C 40 19.21 -22.68 1.29
CA ALA C 40 20.46 -23.23 0.71
C ALA C 40 20.24 -24.67 0.22
N VAL C 41 19.52 -25.45 1.03
CA VAL C 41 19.26 -26.88 0.72
C VAL C 41 18.45 -26.97 -0.59
N LYS C 42 17.34 -26.18 -0.65
CA LYS C 42 16.53 -26.21 -1.82
C LYS C 42 17.27 -25.69 -3.05
N LEU C 43 18.08 -24.63 -2.93
CA LEU C 43 18.81 -24.16 -4.14
C LEU C 43 19.76 -25.28 -4.60
N HIS C 44 20.43 -25.88 -3.64
CA HIS C 44 21.38 -26.96 -3.94
C HIS C 44 20.64 -28.13 -4.63
N GLN C 45 19.45 -28.49 -4.11
CA GLN C 45 18.62 -29.56 -4.72
C GLN C 45 18.20 -29.17 -6.14
N THR C 46 18.07 -27.87 -6.46
CA THR C 46 17.66 -27.41 -7.77
C THR C 46 18.88 -27.39 -8.70
N GLY C 47 20.09 -27.59 -8.17
CA GLY C 47 21.28 -27.68 -9.05
C GLY C 47 22.29 -26.55 -8.85
N TYR C 48 22.01 -25.62 -7.92
CA TYR C 48 22.96 -24.53 -7.60
C TYR C 48 24.14 -25.05 -6.77
N ARG C 49 25.31 -24.47 -7.00
CA ARG C 49 26.41 -24.46 -6.02
C ARG C 49 26.14 -23.32 -5.04
N VAL C 50 26.52 -23.48 -3.77
CA VAL C 50 26.07 -22.53 -2.73
C VAL C 50 27.24 -22.04 -1.84
N VAL C 51 27.22 -20.73 -1.58
CA VAL C 51 28.06 -20.17 -0.52
C VAL C 51 27.19 -20.04 0.72
N ILE C 52 27.55 -20.74 1.78
CA ILE C 52 26.83 -20.72 3.06
C ILE C 52 27.51 -19.68 3.96
N HIS C 53 26.93 -18.47 4.05
CA HIS C 53 27.46 -17.45 4.92
C HIS C 53 27.04 -17.70 6.36
N TYR C 54 27.94 -17.42 7.31
CA TYR C 54 27.61 -17.52 8.75
C TYR C 54 28.37 -16.42 9.51
N HIS C 55 27.93 -16.12 10.71
CA HIS C 55 28.66 -15.17 11.56
C HIS C 55 29.20 -15.96 12.76
N ASN C 56 28.32 -16.48 13.60
CA ASN C 56 28.73 -17.24 14.79
C ASN C 56 28.55 -18.76 14.60
N SER C 57 27.80 -19.19 13.59
CA SER C 57 27.43 -20.62 13.58
C SER C 57 28.35 -21.44 12.68
N ALA C 58 29.67 -21.47 12.97
CA ALA C 58 30.60 -22.14 12.07
C ALA C 58 30.33 -23.63 12.01
N GLU C 59 30.04 -24.25 13.17
CA GLU C 59 29.90 -25.72 13.20
C GLU C 59 28.70 -26.15 12.33
N ALA C 60 27.59 -25.43 12.50
CA ALA C 60 26.37 -25.70 11.75
C ALA C 60 26.58 -25.42 10.25
N ALA C 61 27.31 -24.35 9.89
CA ALA C 61 27.54 -24.03 8.49
C ALA C 61 28.36 -25.12 7.80
N VAL C 62 29.38 -25.60 8.52
CA VAL C 62 30.25 -26.63 7.98
C VAL C 62 29.47 -27.95 7.91
N SER C 63 28.67 -28.25 8.92
CA SER C 63 27.81 -29.46 8.85
C SER C 63 26.92 -29.47 7.59
N LEU C 64 26.30 -28.32 7.28
CA LEU C 64 25.49 -28.22 6.06
C LEU C 64 26.35 -28.40 4.81
N ALA C 65 27.49 -27.68 4.74
CA ALA C 65 28.38 -27.82 3.57
C ALA C 65 28.79 -29.31 3.43
N ASP C 66 29.09 -29.96 4.54
CA ASP C 66 29.44 -31.43 4.48
C ASP C 66 28.30 -32.25 3.84
N GLU C 67 27.07 -32.02 4.28
CA GLU C 67 25.87 -32.70 3.75
C GLU C 67 25.71 -32.45 2.24
N LEU C 68 25.80 -31.19 1.80
CA LEU C 68 25.62 -30.86 0.37
C LEU C 68 26.76 -31.44 -0.51
N ASN C 69 27.98 -31.37 -0.01
CA ASN C 69 29.17 -31.83 -0.75
C ASN C 69 29.15 -33.38 -0.83
N LYS C 70 28.53 -34.04 0.13
CA LYS C 70 28.41 -35.50 0.06
C LYS C 70 27.47 -35.86 -1.09
N GLU C 71 26.41 -35.05 -1.31
CA GLU C 71 25.49 -35.27 -2.44
CA GLU C 71 25.49 -35.28 -2.44
C GLU C 71 26.20 -34.97 -3.76
N ARG C 72 26.90 -33.83 -3.85
CA ARG C 72 27.63 -33.45 -5.07
C ARG C 72 28.95 -32.79 -4.64
N SER C 73 30.10 -33.36 -5.02
CA SER C 73 31.40 -32.89 -4.49
CA SER C 73 31.40 -32.89 -4.52
C SER C 73 31.69 -31.46 -4.98
N ASN C 74 32.29 -30.66 -4.09
CA ASN C 74 32.75 -29.29 -4.37
C ASN C 74 31.59 -28.40 -4.89
N THR C 75 30.45 -28.54 -4.29
CA THR C 75 29.33 -27.65 -4.68
C THR C 75 28.91 -26.71 -3.54
N ALA C 76 29.55 -26.74 -2.37
CA ALA C 76 29.13 -25.89 -1.19
C ALA C 76 30.41 -25.42 -0.48
N VAL C 77 30.53 -24.11 -0.26
CA VAL C 77 31.60 -23.56 0.56
C VAL C 77 30.95 -22.70 1.66
N VAL C 78 31.74 -22.39 2.68
CA VAL C 78 31.27 -21.50 3.73
C VAL C 78 32.05 -20.18 3.69
N CYS C 79 31.46 -19.13 4.29
CA CYS C 79 32.11 -17.84 4.31
C CYS C 79 31.70 -17.13 5.60
N GLN C 80 32.65 -16.84 6.49
CA GLN C 80 32.38 -16.11 7.75
C GLN C 80 32.31 -14.61 7.49
N ALA C 81 31.27 -13.97 8.03
CA ALA C 81 31.33 -12.48 8.14
C ALA C 81 30.35 -11.98 9.19
N ASP C 82 30.78 -10.96 9.94
CA ASP C 82 29.85 -10.20 10.77
C ASP C 82 29.17 -9.18 9.85
N LEU C 83 27.82 -9.14 9.86
CA LEU C 83 27.10 -8.24 9.00
C LEU C 83 26.59 -7.00 9.76
N THR C 84 27.02 -6.83 11.01
CA THR C 84 26.83 -5.56 11.76
C THR C 84 27.40 -4.38 10.92
N ASN C 85 26.73 -3.22 10.86
CA ASN C 85 27.33 -2.07 10.12
C ASN C 85 28.61 -1.61 10.85
N SER C 86 29.66 -1.29 10.11
CA SER C 86 30.87 -0.73 10.68
C SER C 86 31.68 -0.20 9.51
N ASN C 87 32.85 0.38 9.81
CA ASN C 87 33.80 0.82 8.73
C ASN C 87 34.24 -0.33 7.82
N VAL C 88 34.23 -1.56 8.33
CA VAL C 88 34.70 -2.73 7.55
C VAL C 88 33.54 -3.51 6.89
N LEU C 89 32.27 -3.15 7.16
CA LEU C 89 31.16 -3.93 6.48
C LEU C 89 31.31 -3.96 4.95
N PRO C 90 31.59 -2.82 4.29
CA PRO C 90 31.69 -2.92 2.84
C PRO C 90 32.70 -3.98 2.35
N ALA C 91 33.86 -4.03 2.98
CA ALA C 91 34.90 -4.99 2.58
C ALA C 91 34.41 -6.41 2.85
N SER C 92 33.77 -6.66 4.01
CA SER C 92 33.18 -7.95 4.31
C SER C 92 32.17 -8.39 3.26
N CYS C 93 31.33 -7.48 2.78
CA CYS C 93 30.25 -7.83 1.84
C CYS C 93 30.89 -8.11 0.48
N GLU C 94 31.89 -7.30 0.14
CA GLU C 94 32.63 -7.57 -1.09
C GLU C 94 33.28 -8.96 -1.05
N GLU C 95 33.79 -9.37 0.09
CA GLU C 95 34.46 -10.68 0.19
C GLU C 95 33.42 -11.81 0.11
N ILE C 96 32.22 -11.64 0.67
CA ILE C 96 31.16 -12.69 0.50
C ILE C 96 30.91 -12.93 -1.00
N ILE C 97 30.73 -11.87 -1.77
CA ILE C 97 30.44 -12.04 -3.20
C ILE C 97 31.70 -12.64 -3.86
N ASN C 98 32.87 -12.12 -3.50
CA ASN C 98 34.11 -12.66 -4.12
C ASN C 98 34.28 -14.15 -3.79
N SER C 99 33.86 -14.61 -2.60
CA SER C 99 33.98 -16.03 -2.26
CA SER C 99 33.99 -16.03 -2.25
C SER C 99 33.22 -16.89 -3.27
N CYS C 100 32.10 -16.36 -3.78
CA CYS C 100 31.29 -17.08 -4.72
C CYS C 100 32.03 -17.19 -6.06
N PHE C 101 32.58 -16.08 -6.51
CA PHE C 101 33.34 -16.07 -7.76
C PHE C 101 34.60 -16.96 -7.66
N ARG C 102 35.28 -16.92 -6.50
CA ARG C 102 36.51 -17.73 -6.19
CA ARG C 102 36.50 -17.72 -6.32
C ARG C 102 36.20 -19.23 -6.33
N ALA C 103 35.14 -19.65 -5.65
CA ALA C 103 34.79 -21.06 -5.55
C ALA C 103 34.20 -21.57 -6.87
N PHE C 104 33.39 -20.74 -7.53
CA PHE C 104 32.49 -21.30 -8.54
C PHE C 104 32.61 -20.59 -9.87
N GLY C 105 33.35 -19.48 -9.94
CA GLY C 105 33.58 -18.74 -11.21
C GLY C 105 32.42 -17.86 -11.63
N ARG C 106 31.38 -17.75 -10.80
CA ARG C 106 30.18 -16.97 -11.20
C ARG C 106 29.35 -16.78 -9.93
N CYS C 107 28.40 -15.84 -9.99
CA CYS C 107 27.45 -15.63 -8.87
C CYS C 107 26.13 -15.17 -9.51
N ASP C 108 25.16 -16.08 -9.55
CA ASP C 108 23.89 -15.86 -10.29
C ASP C 108 22.81 -15.36 -9.35
N VAL C 109 22.87 -15.78 -8.09
CA VAL C 109 21.79 -15.48 -7.12
C VAL C 109 22.40 -15.01 -5.79
N LEU C 110 21.81 -13.93 -5.22
CA LEU C 110 22.09 -13.48 -3.89
C LEU C 110 20.78 -13.57 -3.11
N VAL C 111 20.80 -14.27 -1.99
CA VAL C 111 19.68 -14.30 -1.07
C VAL C 111 20.09 -13.60 0.23
N ASN C 112 19.44 -12.46 0.51
CA ASN C 112 19.73 -11.67 1.67
C ASN C 112 18.77 -12.18 2.77
N ASN C 113 19.25 -13.15 3.52
CA ASN C 113 18.43 -13.82 4.51
C ASN C 113 18.82 -13.42 5.94
N ALA C 114 20.10 -13.15 6.23
CA ALA C 114 20.58 -12.89 7.59
C ALA C 114 19.79 -11.72 8.21
N SER C 115 19.46 -11.87 9.49
CA SER C 115 18.61 -10.88 10.13
C SER C 115 18.83 -10.88 11.65
N ALA C 116 18.92 -9.69 12.22
CA ALA C 116 18.94 -9.54 13.66
C ALA C 116 17.52 -9.16 14.07
N PHE C 117 17.06 -9.65 15.24
CA PHE C 117 15.68 -9.43 15.62
C PHE C 117 15.57 -9.35 17.14
N TYR C 118 15.21 -8.17 17.64
CA TYR C 118 14.99 -7.98 19.08
C TYR C 118 14.33 -6.61 19.31
N PRO C 119 13.66 -6.44 20.46
CA PRO C 119 12.97 -5.14 20.71
C PRO C 119 13.95 -4.00 21.08
N THR C 120 13.58 -2.76 20.71
CA THR C 120 14.28 -1.54 21.04
C THR C 120 13.22 -0.51 21.48
N PRO C 121 12.71 -0.61 22.74
CA PRO C 121 11.62 0.25 23.20
C PRO C 121 12.01 1.73 23.09
N LEU C 122 11.05 2.56 22.71
CA LEU C 122 11.32 4.02 22.57
C LEU C 122 11.33 4.64 23.98
N VAL C 123 10.57 4.07 24.91
CA VAL C 123 10.54 4.60 26.27
C VAL C 123 11.05 3.50 27.21
N GLN C 124 12.04 3.86 28.02
CA GLN C 124 12.78 2.93 28.88
C GLN C 124 11.97 2.66 30.15
N GLY C 133 23.30 -5.22 27.80
CA GLY C 133 22.87 -3.83 27.75
C GLY C 133 23.56 -3.07 26.61
N LYS C 134 23.33 -3.52 25.36
CA LYS C 134 23.86 -2.87 24.14
C LYS C 134 23.50 -1.38 24.11
N THR C 135 24.43 -0.55 23.65
CA THR C 135 24.11 0.84 23.44
C THR C 135 23.09 0.94 22.28
N VAL C 136 22.37 2.04 22.21
CA VAL C 136 21.40 2.20 21.13
C VAL C 136 22.14 2.21 19.79
N GLU C 137 23.36 2.77 19.73
CA GLU C 137 24.07 2.84 18.46
C GLU C 137 24.56 1.42 18.04
N THR C 138 24.83 0.56 19.01
CA THR C 138 25.13 -0.84 18.64
C THR C 138 23.84 -1.48 18.08
N GLN C 139 22.69 -1.21 18.70
CA GLN C 139 21.42 -1.80 18.18
C GLN C 139 21.16 -1.29 16.75
N VAL C 140 21.44 -0.03 16.51
CA VAL C 140 21.34 0.53 15.13
C VAL C 140 22.25 -0.25 14.18
N ALA C 141 23.51 -0.41 14.58
CA ALA C 141 24.47 -1.10 13.76
C ALA C 141 24.01 -2.54 13.45
N GLU C 142 23.43 -3.23 14.44
CA GLU C 142 23.02 -4.60 14.22
C GLU C 142 21.70 -4.69 13.46
N LEU C 143 20.64 -3.96 13.88
CA LEU C 143 19.30 -4.09 13.29
C LEU C 143 19.29 -3.43 11.92
N ILE C 144 19.78 -2.21 11.81
CA ILE C 144 19.78 -1.56 10.50
C ILE C 144 20.92 -2.13 9.65
N GLY C 145 22.08 -2.40 10.24
CA GLY C 145 23.19 -2.94 9.42
C GLY C 145 22.89 -4.32 8.87
N THR C 146 22.53 -5.29 9.72
CA THR C 146 22.27 -6.61 9.15
C THR C 146 21.03 -6.61 8.24
N ASN C 147 19.95 -5.90 8.61
CA ASN C 147 18.67 -6.07 7.94
CA ASN C 147 18.69 -6.09 7.92
C ASN C 147 18.62 -5.22 6.66
N ALA C 148 19.47 -4.19 6.53
CA ALA C 148 19.29 -3.25 5.40
C ALA C 148 20.61 -2.83 4.78
N ILE C 149 21.59 -2.43 5.60
CA ILE C 149 22.86 -1.93 5.00
C ILE C 149 23.65 -3.09 4.36
N ALA C 150 23.76 -4.22 5.07
CA ALA C 150 24.47 -5.37 4.47
C ALA C 150 23.80 -5.81 3.14
N PRO C 151 22.45 -5.88 3.09
CA PRO C 151 21.83 -6.22 1.83
C PRO C 151 22.17 -5.19 0.74
N PHE C 152 22.24 -3.90 1.11
CA PHE C 152 22.57 -2.86 0.15
C PHE C 152 24.02 -3.07 -0.38
N LEU C 153 24.97 -3.32 0.51
CA LEU C 153 26.40 -3.44 0.08
C LEU C 153 26.58 -4.72 -0.72
N LEU C 154 25.91 -5.78 -0.27
CA LEU C 154 25.96 -7.08 -1.00
C LEU C 154 25.36 -6.91 -2.40
N THR C 155 24.29 -6.10 -2.47
CA THR C 155 23.63 -5.85 -3.78
C THR C 155 24.63 -5.10 -4.68
N MET C 156 25.27 -4.07 -4.13
CA MET C 156 26.26 -3.28 -4.89
CA MET C 156 26.24 -3.28 -4.91
C MET C 156 27.37 -4.21 -5.41
N SER C 157 27.94 -5.03 -4.51
CA SER C 157 29.08 -5.92 -4.86
C SER C 157 28.64 -6.95 -5.89
N PHE C 158 27.43 -7.53 -5.70
CA PHE C 158 26.87 -8.54 -6.63
C PHE C 158 26.75 -7.90 -8.02
N ALA C 159 26.20 -6.69 -8.12
CA ALA C 159 25.94 -6.09 -9.44
C ALA C 159 27.26 -5.65 -10.10
N GLN C 160 28.17 -5.11 -9.29
CA GLN C 160 29.48 -4.60 -9.78
C GLN C 160 30.28 -5.77 -10.40
N ARG C 161 30.17 -6.96 -9.82
CA ARG C 161 31.01 -8.09 -10.26
C ARG C 161 30.43 -8.76 -11.51
N GLN C 162 29.28 -8.32 -12.02
CA GLN C 162 28.69 -8.98 -13.18
C GLN C 162 29.39 -8.52 -14.47
N SER C 172 21.76 -16.20 -19.14
CA SER C 172 21.87 -15.86 -17.71
C SER C 172 20.49 -15.52 -17.10
N ASN C 173 20.32 -15.93 -15.86
CA ASN C 173 19.14 -15.57 -15.09
C ASN C 173 19.65 -15.06 -13.73
N LEU C 174 20.07 -13.80 -13.69
CA LEU C 174 20.60 -13.21 -12.43
C LEU C 174 19.46 -12.65 -11.57
N SER C 175 19.49 -12.94 -10.29
CA SER C 175 18.47 -12.29 -9.47
C SER C 175 18.93 -12.23 -8.00
N ILE C 176 18.28 -11.29 -7.28
CA ILE C 176 18.48 -11.16 -5.84
C ILE C 176 17.12 -11.40 -5.16
N VAL C 177 17.10 -12.07 -4.02
CA VAL C 177 15.87 -12.24 -3.24
C VAL C 177 16.14 -11.76 -1.81
N ASN C 178 15.31 -10.82 -1.33
CA ASN C 178 15.48 -10.22 -0.03
C ASN C 178 14.42 -10.80 0.90
N LEU C 179 14.81 -11.28 2.07
CA LEU C 179 13.82 -11.79 3.06
C LEU C 179 13.22 -10.58 3.82
N CYS C 180 11.95 -10.30 3.52
CA CYS C 180 11.23 -9.12 3.96
C CYS C 180 10.34 -9.55 5.14
N ASP C 181 9.35 -8.76 5.55
CA ASP C 181 8.55 -9.19 6.69
C ASP C 181 7.09 -8.90 6.33
N ALA C 182 6.21 -9.90 6.42
CA ALA C 182 4.84 -9.69 5.90
C ALA C 182 4.11 -8.71 6.83
N MET C 183 4.60 -8.57 8.07
CA MET C 183 3.92 -7.72 9.10
C MET C 183 4.56 -6.33 9.15
N VAL C 184 5.22 -5.92 8.06
CA VAL C 184 5.97 -4.65 8.06
C VAL C 184 5.05 -3.44 8.32
N ASP C 185 3.77 -3.52 7.98
CA ASP C 185 2.88 -2.37 8.21
C ASP C 185 1.93 -2.58 9.36
N GLN C 186 2.14 -3.64 10.14
CA GLN C 186 1.43 -3.82 11.40
C GLN C 186 2.45 -4.29 12.42
N PRO C 187 3.37 -3.40 12.73
CA PRO C 187 4.60 -3.76 13.42
C PRO C 187 4.37 -4.32 14.84
N CYS C 188 5.32 -5.15 15.29
CA CYS C 188 5.34 -5.60 16.70
C CYS C 188 5.64 -4.41 17.63
N MET C 189 4.92 -4.32 18.75
CA MET C 189 5.09 -3.28 19.75
C MET C 189 6.55 -3.25 20.26
N ALA C 190 7.18 -2.08 20.30
CA ALA C 190 8.56 -1.89 20.82
C ALA C 190 9.66 -2.44 19.88
N PHE C 191 9.32 -2.71 18.61
CA PHE C 191 10.33 -3.16 17.64
C PHE C 191 10.62 -2.10 16.56
N SER C 192 10.75 -0.83 16.95
CA SER C 192 10.91 0.29 15.99
CA SER C 192 10.87 0.24 15.94
C SER C 192 12.12 0.05 15.08
N LEU C 193 13.29 -0.20 15.67
CA LEU C 193 14.52 -0.25 14.81
C LEU C 193 14.47 -1.47 13.88
N TYR C 194 13.99 -2.63 14.40
CA TYR C 194 13.80 -3.80 13.54
C TYR C 194 12.88 -3.42 12.36
N ASN C 195 11.76 -2.81 12.71
CA ASN C 195 10.75 -2.50 11.67
C ASN C 195 11.33 -1.48 10.66
N MET C 196 12.10 -0.51 11.18
CA MET C 196 12.71 0.50 10.24
C MET C 196 13.63 -0.22 9.24
N GLY C 197 14.40 -1.20 9.75
CA GLY C 197 15.32 -1.95 8.89
C GLY C 197 14.57 -2.73 7.82
N LYS C 198 13.45 -3.35 8.21
CA LYS C 198 12.69 -4.15 7.22
C LYS C 198 11.99 -3.22 6.22
N HIS C 199 11.56 -2.03 6.67
CA HIS C 199 11.01 -1.07 5.73
C HIS C 199 12.09 -0.65 4.76
N ALA C 200 13.27 -0.35 5.30
CA ALA C 200 14.40 0.06 4.43
C ALA C 200 14.66 -1.05 3.40
N LEU C 201 14.51 -2.33 3.83
CA LEU C 201 14.74 -3.43 2.90
C LEU C 201 13.71 -3.46 1.78
N VAL C 202 12.45 -3.10 2.07
CA VAL C 202 11.43 -2.96 0.97
C VAL C 202 11.93 -1.88 -0.02
N GLY C 203 12.39 -0.74 0.53
CA GLY C 203 12.88 0.33 -0.39
C GLY C 203 14.06 -0.14 -1.24
N LEU C 204 15.01 -0.88 -0.63
CA LEU C 204 16.17 -1.40 -1.40
C LEU C 204 15.65 -2.34 -2.50
N THR C 205 14.66 -3.18 -2.17
CA THR C 205 14.15 -4.18 -3.13
C THR C 205 13.64 -3.45 -4.38
N GLN C 206 12.84 -2.41 -4.12
CA GLN C 206 12.20 -1.67 -5.21
C GLN C 206 13.24 -0.79 -5.91
N SER C 207 14.13 -0.12 -5.16
CA SER C 207 15.12 0.77 -5.82
C SER C 207 16.07 -0.05 -6.68
N ALA C 208 16.53 -1.15 -6.11
CA ALA C 208 17.51 -2.02 -6.80
C ALA C 208 16.82 -2.68 -8.02
N ALA C 209 15.53 -3.02 -7.89
CA ALA C 209 14.86 -3.65 -9.07
C ALA C 209 14.89 -2.66 -10.26
N LEU C 210 14.62 -1.41 -9.95
N LEU C 210 14.61 -1.40 -9.99
CA LEU C 210 14.55 -0.37 -10.98
CA LEU C 210 14.60 -0.42 -11.10
C LEU C 210 15.92 -0.10 -11.59
C LEU C 210 16.02 -0.22 -11.64
N GLU C 211 16.94 0.02 -10.73
CA GLU C 211 18.30 0.40 -11.14
C GLU C 211 19.01 -0.77 -11.84
N LEU C 212 18.71 -2.02 -11.44
CA LEU C 212 19.48 -3.12 -12.03
C LEU C 212 18.72 -3.82 -13.17
N ALA C 213 17.50 -3.43 -13.44
CA ALA C 213 16.75 -4.04 -14.56
C ALA C 213 17.57 -3.94 -15.86
N PRO C 214 18.23 -2.80 -16.10
CA PRO C 214 18.99 -2.71 -17.36
C PRO C 214 20.17 -3.70 -17.45
N TYR C 215 20.60 -4.23 -16.31
CA TYR C 215 21.69 -5.21 -16.21
C TYR C 215 21.15 -6.63 -16.30
N GLY C 216 19.84 -6.76 -16.44
CA GLY C 216 19.19 -8.07 -16.44
C GLY C 216 19.19 -8.71 -15.06
N ILE C 217 19.31 -7.93 -14.00
CA ILE C 217 19.29 -8.49 -12.66
C ILE C 217 17.91 -8.21 -12.06
N ARG C 218 17.17 -9.24 -11.71
CA ARG C 218 15.87 -9.04 -11.07
C ARG C 218 16.08 -8.97 -9.55
N VAL C 219 15.21 -8.24 -8.87
CA VAL C 219 15.34 -8.06 -7.40
C VAL C 219 13.93 -8.22 -6.82
N ASN C 220 13.76 -9.19 -5.93
CA ASN C 220 12.39 -9.49 -5.44
C ASN C 220 12.49 -9.82 -3.96
N GLY C 221 11.32 -9.99 -3.31
CA GLY C 221 11.32 -10.24 -1.86
C GLY C 221 10.40 -11.42 -1.56
N VAL C 222 10.69 -12.11 -0.49
CA VAL C 222 9.77 -13.07 0.11
C VAL C 222 9.54 -12.63 1.54
N ALA C 223 8.26 -12.53 1.95
CA ALA C 223 7.97 -11.95 3.23
C ALA C 223 7.26 -13.00 4.09
N PRO C 224 8.01 -13.64 4.97
CA PRO C 224 7.35 -14.63 5.86
C PRO C 224 6.48 -13.91 6.90
N GLY C 225 5.51 -14.63 7.46
CA GLY C 225 4.73 -14.06 8.56
C GLY C 225 5.29 -14.57 9.86
N VAL C 226 4.65 -15.60 10.40
CA VAL C 226 5.35 -16.47 11.33
C VAL C 226 5.79 -17.72 10.55
N SER C 227 7.10 -18.00 10.66
CA SER C 227 7.74 -19.26 10.20
C SER C 227 8.42 -19.92 11.40
N LYS C 238 3.76 -19.21 21.30
CA LYS C 238 3.94 -19.87 19.99
C LYS C 238 2.58 -20.34 19.48
N ASP C 239 1.87 -21.16 20.27
CA ASP C 239 0.50 -21.56 19.90
C ASP C 239 -0.48 -20.38 19.79
N LYS C 240 -0.24 -19.32 20.57
CA LYS C 240 -1.06 -18.09 20.47
C LYS C 240 -0.97 -17.55 19.03
N TRP C 241 0.26 -17.40 18.52
CA TRP C 241 0.51 -16.90 17.14
C TRP C 241 -0.07 -17.87 16.10
N ARG C 242 0.12 -19.17 16.31
CA ARG C 242 -0.34 -20.18 15.34
C ARG C 242 -1.84 -20.05 15.13
N ARG C 243 -2.57 -19.76 16.21
CA ARG C 243 -4.05 -19.80 16.23
C ARG C 243 -4.68 -18.65 15.42
N LYS C 244 -3.95 -17.58 15.20
CA LYS C 244 -4.48 -16.41 14.46
C LYS C 244 -4.26 -16.58 12.95
N VAL C 245 -3.45 -17.56 12.56
CA VAL C 245 -3.13 -17.69 11.09
C VAL C 245 -4.34 -18.30 10.36
N PRO C 246 -4.85 -17.62 9.32
CA PRO C 246 -6.00 -18.20 8.60
C PRO C 246 -5.76 -19.61 8.04
N LEU C 247 -4.64 -19.83 7.36
N LEU C 247 -4.62 -19.85 7.39
CA LEU C 247 -4.35 -21.11 6.74
CA LEU C 247 -4.25 -21.20 6.93
C LEU C 247 -3.80 -22.10 7.75
C LEU C 247 -3.57 -21.99 8.04
N GLY C 248 -4.66 -22.85 8.43
N GLY C 248 -3.81 -21.67 9.31
CA GLY C 248 -4.19 -24.04 9.18
CA GLY C 248 -3.05 -22.24 10.42
C GLY C 248 -3.75 -23.72 10.60
C GLY C 248 -3.20 -23.74 10.62
N ARG C 249 -3.87 -22.47 11.04
N ARG C 249 -4.17 -24.38 9.95
CA ARG C 249 -3.61 -22.16 12.45
CA ARG C 249 -4.28 -25.85 10.04
C ARG C 249 -2.20 -22.61 12.86
C ARG C 249 -3.00 -26.49 9.51
N ARG C 250 -1.26 -22.54 11.92
N ARG C 250 -2.36 -25.80 8.56
CA ARG C 250 0.10 -23.06 12.16
CA ARG C 250 -1.05 -26.22 8.01
C ARG C 250 1.11 -22.15 11.48
C ARG C 250 0.08 -25.56 8.79
N GLU C 251 2.37 -22.17 11.96
N GLU C 251 1.03 -26.37 9.26
CA GLU C 251 3.41 -21.34 11.32
CA GLU C 251 2.21 -25.88 9.95
C GLU C 251 3.87 -22.00 10.01
C GLU C 251 3.03 -24.97 9.01
N ALA C 252 4.53 -21.19 9.18
N ALA C 252 3.51 -23.84 9.54
CA ALA C 252 5.14 -21.67 7.93
CA ALA C 252 4.44 -22.98 8.83
C ALA C 252 6.35 -22.52 8.29
C ALA C 252 5.79 -23.69 8.82
N SER C 253 6.47 -23.69 7.68
CA SER C 253 7.80 -24.38 7.65
C SER C 253 8.81 -23.45 6.97
N ALA C 254 10.09 -23.66 7.25
CA ALA C 254 11.15 -22.95 6.49
C ALA C 254 11.08 -23.37 5.01
N GLU C 255 10.72 -24.63 4.76
CA GLU C 255 10.71 -25.11 3.37
C GLU C 255 9.69 -24.34 2.49
N GLN C 256 8.56 -23.98 3.09
CA GLN C 256 7.53 -23.17 2.36
C GLN C 256 8.10 -21.79 1.96
N ILE C 257 8.91 -21.19 2.83
CA ILE C 257 9.62 -19.92 2.48
C ILE C 257 10.58 -20.21 1.34
N ALA C 258 11.37 -21.27 1.53
CA ALA C 258 12.32 -21.67 0.46
C ALA C 258 11.65 -21.87 -0.91
N ASP C 259 10.47 -22.50 -0.92
CA ASP C 259 9.71 -22.72 -2.18
C ASP C 259 9.47 -21.41 -2.97
N ALA C 260 9.15 -20.32 -2.26
CA ALA C 260 8.88 -19.04 -2.91
C ALA C 260 10.19 -18.46 -3.46
N VAL C 261 11.27 -18.63 -2.72
CA VAL C 261 12.63 -18.20 -3.21
C VAL C 261 12.96 -18.96 -4.50
N ILE C 262 12.77 -20.29 -4.49
CA ILE C 262 13.04 -21.14 -5.70
C ILE C 262 12.22 -20.62 -6.89
N PHE C 263 10.93 -20.31 -6.66
CA PHE C 263 10.12 -19.76 -7.75
C PHE C 263 10.79 -18.46 -8.28
N LEU C 264 11.11 -17.52 -7.38
CA LEU C 264 11.58 -16.19 -7.85
C LEU C 264 12.93 -16.26 -8.58
N VAL C 265 13.80 -17.22 -8.23
CA VAL C 265 15.08 -17.29 -8.96
C VAL C 265 14.91 -18.09 -10.26
N SER C 266 13.79 -18.78 -10.44
CA SER C 266 13.59 -19.69 -11.59
C SER C 266 13.28 -18.93 -12.89
N GLY C 267 13.35 -19.67 -14.03
CA GLY C 267 12.90 -19.10 -15.31
C GLY C 267 11.39 -18.88 -15.37
N SER C 268 10.62 -19.49 -14.45
CA SER C 268 9.15 -19.20 -14.33
C SER C 268 8.86 -17.80 -13.75
N ALA C 269 9.89 -17.07 -13.30
CA ALA C 269 9.71 -15.69 -12.76
C ALA C 269 10.53 -14.69 -13.58
N GLN C 270 10.82 -14.99 -14.85
CA GLN C 270 11.80 -14.16 -15.59
C GLN C 270 11.27 -12.73 -15.85
N TYR C 271 9.98 -12.48 -15.74
CA TYR C 271 9.48 -11.13 -15.96
C TYR C 271 9.17 -10.42 -14.63
N ILE C 272 9.47 -11.09 -13.54
CA ILE C 272 9.04 -10.57 -12.21
C ILE C 272 10.23 -9.85 -11.58
N THR C 273 10.08 -8.54 -11.32
CA THR C 273 11.10 -7.81 -10.55
C THR C 273 10.38 -6.72 -9.74
N GLY C 274 10.88 -6.47 -8.54
CA GLY C 274 10.28 -5.50 -7.67
C GLY C 274 9.10 -6.05 -6.91
N SER C 275 8.90 -7.38 -6.93
CA SER C 275 7.72 -7.95 -6.33
C SER C 275 8.08 -8.58 -5.00
N ILE C 276 7.19 -8.45 -4.01
CA ILE C 276 7.45 -9.05 -2.72
C ILE C 276 6.28 -10.01 -2.45
N ILE C 277 6.61 -11.30 -2.31
CA ILE C 277 5.57 -12.32 -2.21
C ILE C 277 5.41 -12.61 -0.73
N LYS C 278 4.20 -12.38 -0.18
CA LYS C 278 3.96 -12.76 1.23
C LYS C 278 3.75 -14.28 1.30
N VAL C 279 4.41 -14.91 2.27
CA VAL C 279 4.21 -16.31 2.54
C VAL C 279 3.87 -16.41 4.02
N ASP C 280 2.62 -16.13 4.37
CA ASP C 280 2.26 -15.86 5.76
C ASP C 280 0.94 -16.50 6.13
N GLY C 281 0.44 -17.35 5.25
CA GLY C 281 -0.82 -18.08 5.64
C GLY C 281 -2.01 -17.15 5.78
N GLY C 282 -1.92 -15.93 5.23
CA GLY C 282 -2.99 -14.96 5.37
C GLY C 282 -2.88 -14.05 6.60
N LEU C 283 -1.83 -14.17 7.41
CA LEU C 283 -1.88 -13.55 8.73
C LEU C 283 -1.97 -12.01 8.60
N SER C 284 -1.31 -11.44 7.60
CA SER C 284 -1.25 -9.98 7.46
C SER C 284 -2.63 -9.39 7.16
N LEU C 285 -3.58 -10.21 6.75
CA LEU C 285 -4.89 -9.73 6.36
C LEU C 285 -5.82 -9.72 7.59
N VAL C 286 -5.34 -10.23 8.73
CA VAL C 286 -6.25 -10.38 9.89
C VAL C 286 -6.24 -9.11 10.74
N HIS C 287 -7.43 -8.55 10.97
CA HIS C 287 -7.51 -7.31 11.78
C HIS C 287 -7.35 -7.64 13.27
N ALA C 288 -7.04 -6.61 14.05
CA ALA C 288 -6.77 -6.72 15.49
C ALA C 288 -8.03 -7.22 16.21
N GLU D 22 -8.83 -38.96 -11.13
CA GLU D 22 -7.57 -38.64 -10.40
C GLU D 22 -7.01 -37.29 -10.87
N ALA D 23 -7.19 -36.89 -12.14
CA ALA D 23 -6.65 -35.58 -12.55
C ALA D 23 -7.51 -34.47 -11.93
N PRO D 24 -6.87 -33.44 -11.35
CA PRO D 24 -7.67 -32.29 -10.87
C PRO D 24 -8.28 -31.50 -12.05
N ALA D 25 -9.24 -30.60 -11.73
CA ALA D 25 -9.90 -29.87 -12.78
C ALA D 25 -9.90 -28.37 -12.43
N ALA D 26 -9.82 -27.56 -13.48
CA ALA D 26 -9.79 -26.10 -13.33
C ALA D 26 -10.82 -25.44 -14.26
N VAL D 27 -11.40 -24.31 -13.79
CA VAL D 27 -12.17 -23.41 -14.63
C VAL D 27 -11.26 -22.19 -14.96
N VAL D 28 -11.18 -21.82 -16.22
CA VAL D 28 -10.49 -20.56 -16.55
C VAL D 28 -11.49 -19.69 -17.32
N THR D 29 -11.78 -18.46 -16.83
CA THR D 29 -12.76 -17.62 -17.56
C THR D 29 -12.02 -16.86 -18.64
N GLY D 30 -12.74 -16.60 -19.71
CA GLY D 30 -12.16 -15.87 -20.84
C GLY D 30 -10.94 -16.59 -21.39
N ALA D 31 -11.03 -17.92 -21.58
CA ALA D 31 -9.83 -18.77 -21.82
C ALA D 31 -9.64 -19.03 -23.32
N ALA D 32 -10.45 -18.42 -24.20
CA ALA D 32 -10.33 -18.74 -25.68
C ALA D 32 -9.11 -18.08 -26.29
N LYS D 33 -8.69 -16.96 -25.76
CA LYS D 33 -7.62 -16.25 -26.42
C LYS D 33 -6.65 -15.67 -25.37
N ARG D 34 -5.48 -15.23 -25.85
CA ARG D 34 -4.57 -14.35 -25.14
C ARG D 34 -4.17 -14.96 -23.78
N ILE D 35 -4.31 -14.19 -22.70
CA ILE D 35 -3.72 -14.65 -21.44
C ILE D 35 -4.52 -15.84 -20.92
N GLY D 36 -5.84 -15.78 -21.03
CA GLY D 36 -6.60 -16.94 -20.46
C GLY D 36 -6.28 -18.26 -21.21
N ARG D 37 -6.08 -18.14 -22.51
CA ARG D 37 -5.70 -19.33 -23.31
C ARG D 37 -4.38 -19.89 -22.77
N ALA D 38 -3.39 -19.03 -22.56
CA ALA D 38 -2.08 -19.50 -22.16
C ALA D 38 -2.18 -20.13 -20.76
N ILE D 39 -3.06 -19.62 -19.89
CA ILE D 39 -3.30 -20.22 -18.58
C ILE D 39 -3.93 -21.60 -18.76
N ALA D 40 -4.97 -21.69 -19.60
CA ALA D 40 -5.63 -23.01 -19.77
C ALA D 40 -4.61 -24.02 -20.32
N VAL D 41 -3.82 -23.60 -21.29
CA VAL D 41 -2.84 -24.52 -21.88
C VAL D 41 -1.83 -24.98 -20.82
N LYS D 42 -1.30 -24.06 -20.02
CA LYS D 42 -0.28 -24.42 -19.04
C LYS D 42 -0.92 -25.27 -17.92
N LEU D 43 -2.16 -25.00 -17.46
CA LEU D 43 -2.78 -25.91 -16.48
C LEU D 43 -2.94 -27.31 -17.09
N HIS D 44 -3.32 -27.34 -18.37
CA HIS D 44 -3.56 -28.67 -19.04
C HIS D 44 -2.23 -29.44 -19.12
N GLN D 45 -1.16 -28.72 -19.45
CA GLN D 45 0.19 -29.32 -19.49
C GLN D 45 0.63 -29.82 -18.12
N THR D 46 0.18 -29.18 -17.04
CA THR D 46 0.51 -29.51 -15.67
C THR D 46 -0.29 -30.75 -15.22
N GLY D 47 -1.30 -31.16 -15.97
CA GLY D 47 -2.07 -32.34 -15.59
C GLY D 47 -3.54 -32.06 -15.34
N TYR D 48 -3.98 -30.79 -15.47
CA TYR D 48 -5.38 -30.47 -15.12
C TYR D 48 -6.31 -30.77 -16.29
N ARG D 49 -7.54 -31.18 -15.93
CA ARG D 49 -8.69 -31.09 -16.90
C ARG D 49 -9.25 -29.64 -16.87
N VAL D 50 -9.67 -29.08 -18.00
CA VAL D 50 -9.98 -27.62 -18.05
CA VAL D 50 -9.97 -27.62 -18.04
C VAL D 50 -11.38 -27.38 -18.63
N VAL D 51 -12.11 -26.46 -18.00
CA VAL D 51 -13.29 -25.85 -18.58
C VAL D 51 -12.81 -24.53 -19.18
N ILE D 52 -12.95 -24.39 -20.48
CA ILE D 52 -12.59 -23.18 -21.22
C ILE D 52 -13.84 -22.31 -21.32
N HIS D 53 -14.02 -21.33 -20.41
CA HIS D 53 -15.14 -20.40 -20.50
C HIS D 53 -14.87 -19.37 -21.62
N TYR D 54 -15.93 -19.01 -22.36
CA TYR D 54 -15.82 -17.96 -23.36
C TYR D 54 -17.16 -17.23 -23.42
N HIS D 55 -17.17 -16.07 -24.03
CA HIS D 55 -18.39 -15.33 -24.22
C HIS D 55 -18.66 -15.27 -25.72
N ASN D 56 -17.86 -14.52 -26.46
CA ASN D 56 -18.09 -14.40 -27.92
C ASN D 56 -17.17 -15.32 -28.72
N SER D 57 -16.06 -15.78 -28.15
CA SER D 57 -15.02 -16.37 -29.03
C SER D 57 -15.22 -17.89 -29.14
N ALA D 58 -16.31 -18.26 -29.81
CA ALA D 58 -16.78 -19.66 -29.85
C ALA D 58 -15.81 -20.52 -30.69
N GLU D 59 -15.45 -20.03 -31.88
CA GLU D 59 -14.53 -20.77 -32.77
C GLU D 59 -13.20 -21.01 -32.06
N ALA D 60 -12.62 -19.97 -31.41
CA ALA D 60 -11.33 -20.09 -30.73
C ALA D 60 -11.44 -21.06 -29.54
N ALA D 61 -12.54 -21.00 -28.79
CA ALA D 61 -12.69 -21.86 -27.59
C ALA D 61 -12.77 -23.32 -28.02
N VAL D 62 -13.61 -23.59 -29.02
CA VAL D 62 -13.79 -24.96 -29.53
C VAL D 62 -12.44 -25.45 -30.11
N SER D 63 -11.71 -24.61 -30.82
CA SER D 63 -10.40 -25.00 -31.36
CA SER D 63 -10.37 -24.94 -31.36
C SER D 63 -9.44 -25.38 -30.22
N LEU D 64 -9.39 -24.56 -29.19
CA LEU D 64 -8.52 -24.91 -28.06
C LEU D 64 -8.94 -26.25 -27.43
N ALA D 65 -10.23 -26.45 -27.17
CA ALA D 65 -10.68 -27.69 -26.52
C ALA D 65 -10.28 -28.89 -27.40
N ASP D 66 -10.44 -28.74 -28.71
CA ASP D 66 -10.00 -29.79 -29.69
C ASP D 66 -8.50 -30.11 -29.56
N GLU D 67 -7.67 -29.08 -29.44
CA GLU D 67 -6.23 -29.27 -29.36
C GLU D 67 -5.87 -29.99 -28.06
N LEU D 68 -6.48 -29.60 -26.95
CA LEU D 68 -6.17 -30.21 -25.64
C LEU D 68 -6.69 -31.65 -25.58
N ASN D 69 -7.86 -31.89 -26.17
CA ASN D 69 -8.47 -33.23 -26.17
C ASN D 69 -7.67 -34.18 -27.07
N LYS D 70 -7.05 -33.62 -28.12
CA LYS D 70 -6.18 -34.41 -29.00
C LYS D 70 -4.97 -34.91 -28.20
N GLU D 71 -4.49 -34.11 -27.24
CA GLU D 71 -3.35 -34.47 -26.40
CA GLU D 71 -3.34 -34.47 -26.39
C GLU D 71 -3.79 -35.49 -25.34
N ARG D 72 -4.92 -35.27 -24.66
CA ARG D 72 -5.44 -36.28 -23.73
C ARG D 72 -6.97 -36.27 -23.83
N SER D 73 -7.60 -37.38 -24.25
CA SER D 73 -9.04 -37.35 -24.56
CA SER D 73 -9.03 -37.38 -24.55
C SER D 73 -9.83 -37.04 -23.29
N ASN D 74 -10.92 -36.28 -23.46
CA ASN D 74 -11.88 -36.03 -22.37
C ASN D 74 -11.22 -35.21 -21.24
N THR D 75 -10.41 -34.23 -21.60
CA THR D 75 -9.74 -33.41 -20.55
C THR D 75 -10.09 -31.92 -20.72
N ALA D 76 -10.91 -31.57 -21.71
CA ALA D 76 -11.26 -30.15 -21.96
C ALA D 76 -12.72 -30.06 -22.44
N VAL D 77 -13.47 -29.08 -21.88
CA VAL D 77 -14.82 -28.73 -22.40
C VAL D 77 -14.88 -27.21 -22.51
N VAL D 78 -15.77 -26.70 -23.36
CA VAL D 78 -16.04 -25.27 -23.37
C VAL D 78 -17.34 -25.00 -22.60
N CYS D 79 -17.50 -23.75 -22.15
CA CYS D 79 -18.71 -23.36 -21.43
C CYS D 79 -18.94 -21.89 -21.77
N GLN D 80 -20.07 -21.57 -22.41
CA GLN D 80 -20.36 -20.22 -22.89
C GLN D 80 -21.12 -19.43 -21.81
N ALA D 81 -20.68 -18.17 -21.53
CA ALA D 81 -21.48 -17.31 -20.64
C ALA D 81 -21.09 -15.84 -20.80
N ASP D 82 -22.07 -14.96 -20.59
CA ASP D 82 -21.82 -13.53 -20.59
C ASP D 82 -21.60 -13.22 -19.10
N LEU D 83 -20.51 -12.54 -18.75
CA LEU D 83 -20.23 -12.28 -17.32
C LEU D 83 -20.56 -10.82 -16.99
N THR D 84 -21.30 -10.14 -17.86
CA THR D 84 -21.85 -8.82 -17.53
C THR D 84 -22.77 -8.95 -16.31
N ASN D 85 -22.77 -7.95 -15.41
CA ASN D 85 -23.68 -8.04 -14.26
C ASN D 85 -25.14 -7.96 -14.75
N SER D 86 -25.96 -8.80 -14.16
CA SER D 86 -27.45 -8.79 -14.36
C SER D 86 -28.08 -9.64 -13.27
N ASN D 87 -29.41 -9.68 -13.22
CA ASN D 87 -30.09 -10.53 -12.20
C ASN D 87 -29.91 -12.02 -12.51
N VAL D 88 -29.42 -12.37 -13.69
CA VAL D 88 -29.14 -13.79 -13.95
CA VAL D 88 -29.13 -13.77 -14.05
C VAL D 88 -27.64 -14.09 -13.87
N LEU D 89 -26.81 -13.10 -13.61
CA LEU D 89 -25.35 -13.45 -13.50
C LEU D 89 -25.09 -14.52 -12.42
N PRO D 90 -25.77 -14.48 -11.26
CA PRO D 90 -25.49 -15.59 -10.31
C PRO D 90 -25.74 -17.00 -10.89
N ALA D 91 -26.83 -17.14 -11.62
CA ALA D 91 -27.13 -18.43 -12.21
C ALA D 91 -26.10 -18.80 -13.27
N SER D 92 -25.63 -17.84 -14.07
CA SER D 92 -24.59 -18.11 -15.06
C SER D 92 -23.30 -18.58 -14.38
N CYS D 93 -22.96 -17.93 -13.27
CA CYS D 93 -21.71 -18.25 -12.54
C CYS D 93 -21.85 -19.63 -11.90
N GLU D 94 -23.01 -19.89 -11.30
CA GLU D 94 -23.28 -21.21 -10.78
C GLU D 94 -23.16 -22.25 -11.90
N GLU D 95 -23.62 -21.93 -13.13
CA GLU D 95 -23.60 -22.90 -14.23
C GLU D 95 -22.16 -23.17 -14.69
N ILE D 96 -21.27 -22.16 -14.63
CA ILE D 96 -19.86 -22.35 -15.02
C ILE D 96 -19.23 -23.39 -14.07
N ILE D 97 -19.44 -23.22 -12.78
CA ILE D 97 -18.86 -24.13 -11.84
C ILE D 97 -19.51 -25.51 -12.06
N ASN D 98 -20.83 -25.52 -12.25
CA ASN D 98 -21.58 -26.79 -12.45
C ASN D 98 -21.02 -27.54 -13.68
N SER D 99 -20.65 -26.82 -14.75
CA SER D 99 -20.11 -27.46 -15.94
CA SER D 99 -20.10 -27.43 -15.96
C SER D 99 -18.81 -28.22 -15.65
N CYS D 100 -17.99 -27.70 -14.72
CA CYS D 100 -16.77 -28.37 -14.34
C CYS D 100 -17.10 -29.67 -13.61
N PHE D 101 -18.06 -29.62 -12.68
CA PHE D 101 -18.46 -30.84 -11.96
C PHE D 101 -19.16 -31.84 -12.92
N ARG D 102 -19.97 -31.30 -13.85
CA ARG D 102 -20.65 -32.16 -14.86
C ARG D 102 -19.60 -32.92 -15.70
N ALA D 103 -18.59 -32.22 -16.23
CA ALA D 103 -17.60 -32.85 -17.09
C ALA D 103 -16.62 -33.73 -16.30
N PHE D 104 -16.17 -33.31 -15.11
CA PHE D 104 -14.95 -33.86 -14.52
C PHE D 104 -15.18 -34.40 -13.10
N GLY D 105 -16.32 -34.13 -12.51
CA GLY D 105 -16.71 -34.67 -11.18
C GLY D 105 -16.06 -33.92 -10.03
N ARG D 106 -15.34 -32.83 -10.31
CA ARG D 106 -14.61 -32.06 -9.25
C ARG D 106 -14.27 -30.70 -9.83
N CYS D 107 -13.91 -29.75 -8.95
CA CYS D 107 -13.43 -28.46 -9.46
C CYS D 107 -12.42 -27.97 -8.42
N ASP D 108 -11.15 -27.99 -8.79
CA ASP D 108 -10.07 -27.76 -7.83
C ASP D 108 -9.53 -26.34 -7.89
N VAL D 109 -9.61 -25.75 -9.06
CA VAL D 109 -9.00 -24.41 -9.29
C VAL D 109 -9.97 -23.55 -10.10
N LEU D 110 -10.15 -22.29 -9.68
CA LEU D 110 -10.85 -21.28 -10.51
C LEU D 110 -9.85 -20.17 -10.85
N VAL D 111 -9.74 -19.81 -12.12
CA VAL D 111 -8.95 -18.68 -12.50
C VAL D 111 -9.92 -17.63 -13.03
N ASN D 112 -10.03 -16.49 -12.33
CA ASN D 112 -10.86 -15.38 -12.79
C ASN D 112 -10.03 -14.47 -13.71
N ASN D 113 -10.10 -14.72 -15.01
CA ASN D 113 -9.27 -14.06 -16.00
C ASN D 113 -10.12 -13.13 -16.89
N ALA D 114 -11.40 -13.47 -17.20
CA ALA D 114 -12.21 -12.67 -18.15
C ALA D 114 -12.32 -11.19 -17.69
N SER D 115 -12.32 -10.26 -18.65
CA SER D 115 -12.25 -8.88 -18.21
C SER D 115 -12.65 -7.97 -19.38
N ALA D 116 -13.50 -6.98 -19.10
CA ALA D 116 -13.80 -5.90 -20.02
C ALA D 116 -12.87 -4.74 -19.69
N PHE D 117 -12.47 -3.99 -20.72
CA PHE D 117 -11.47 -2.97 -20.54
C PHE D 117 -11.69 -1.92 -21.60
N TYR D 118 -12.10 -0.72 -21.22
CA TYR D 118 -12.27 0.40 -22.13
C TYR D 118 -12.51 1.65 -21.27
N PRO D 119 -12.34 2.82 -21.88
CA PRO D 119 -12.42 4.06 -21.12
C PRO D 119 -13.88 4.47 -20.83
N THR D 120 -14.05 5.14 -19.70
CA THR D 120 -15.33 5.67 -19.23
C THR D 120 -15.03 7.07 -18.67
N PRO D 121 -14.85 8.10 -19.55
CA PRO D 121 -14.47 9.44 -19.05
C PRO D 121 -15.52 10.04 -18.09
N LEU D 122 -15.04 10.77 -17.06
CA LEU D 122 -15.95 11.40 -16.09
C LEU D 122 -16.58 12.65 -16.70
N VAL D 123 -15.91 13.26 -17.67
CA VAL D 123 -16.44 14.50 -18.28
C VAL D 123 -16.56 14.27 -19.80
N GLN D 124 -17.68 14.71 -20.39
CA GLN D 124 -18.02 14.46 -21.83
C GLN D 124 -16.90 14.99 -22.75
N LYS D 134 -23.09 2.74 -25.66
CA LYS D 134 -23.49 2.06 -24.44
C LYS D 134 -23.87 3.09 -23.39
N THR D 135 -24.96 2.81 -22.68
CA THR D 135 -25.36 3.64 -21.55
C THR D 135 -24.32 3.46 -20.43
N VAL D 136 -24.28 4.43 -19.52
CA VAL D 136 -23.36 4.30 -18.38
CA VAL D 136 -23.41 4.35 -18.33
C VAL D 136 -23.74 3.07 -17.54
N GLU D 137 -25.03 2.75 -17.39
CA GLU D 137 -25.33 1.55 -16.55
C GLU D 137 -24.88 0.25 -17.25
N THR D 138 -24.87 0.22 -18.58
CA THR D 138 -24.26 -0.92 -19.27
C THR D 138 -22.75 -0.96 -19.00
N GLN D 139 -22.09 0.20 -19.07
CA GLN D 139 -20.65 0.25 -18.78
C GLN D 139 -20.38 -0.26 -17.36
N VAL D 140 -21.18 0.17 -16.41
CA VAL D 140 -21.02 -0.32 -15.02
C VAL D 140 -21.20 -1.85 -15.01
N ALA D 141 -22.30 -2.36 -15.62
CA ALA D 141 -22.58 -3.81 -15.64
C ALA D 141 -21.40 -4.59 -16.27
N GLU D 142 -20.84 -4.11 -17.35
CA GLU D 142 -19.74 -4.81 -18.03
C GLU D 142 -18.41 -4.73 -17.27
N LEU D 143 -18.00 -3.51 -16.90
CA LEU D 143 -16.67 -3.31 -16.31
C LEU D 143 -16.66 -3.79 -14.84
N ILE D 144 -17.67 -3.46 -14.06
CA ILE D 144 -17.74 -3.95 -12.69
C ILE D 144 -18.18 -5.42 -12.68
N GLY D 145 -19.11 -5.80 -13.54
CA GLY D 145 -19.51 -7.24 -13.59
C GLY D 145 -18.38 -8.18 -13.93
N THR D 146 -17.70 -7.97 -15.06
CA THR D 146 -16.66 -8.94 -15.46
C THR D 146 -15.49 -8.91 -14.48
N ASN D 147 -15.09 -7.71 -14.06
CA ASN D 147 -13.84 -7.61 -13.32
C ASN D 147 -14.04 -7.90 -11.83
N ALA D 148 -15.26 -7.80 -11.33
CA ALA D 148 -15.39 -7.95 -9.86
C ALA D 148 -16.61 -8.79 -9.47
N ILE D 149 -17.80 -8.48 -9.95
CA ILE D 149 -19.02 -9.23 -9.50
CA ILE D 149 -19.00 -9.24 -9.46
C ILE D 149 -18.94 -10.70 -9.95
N ALA D 150 -18.60 -10.92 -11.22
CA ALA D 150 -18.55 -12.35 -11.67
C ALA D 150 -17.48 -13.13 -10.89
N PRO D 151 -16.29 -12.54 -10.67
CA PRO D 151 -15.35 -13.27 -9.80
C PRO D 151 -15.95 -13.59 -8.41
N PHE D 152 -16.66 -12.64 -7.83
CA PHE D 152 -17.30 -12.86 -6.52
C PHE D 152 -18.29 -14.02 -6.58
N LEU D 153 -19.20 -14.00 -7.56
CA LEU D 153 -20.22 -15.07 -7.68
C LEU D 153 -19.60 -16.43 -8.03
N LEU D 154 -18.61 -16.41 -8.91
CA LEU D 154 -17.83 -17.66 -9.22
C LEU D 154 -17.12 -18.22 -7.99
N THR D 155 -16.62 -17.30 -7.13
CA THR D 155 -15.96 -17.69 -5.91
C THR D 155 -17.00 -18.34 -4.97
N MET D 156 -18.17 -17.69 -4.82
CA MET D 156 -19.26 -18.22 -3.97
CA MET D 156 -19.22 -18.23 -3.95
C MET D 156 -19.64 -19.63 -4.44
N SER D 157 -19.88 -19.76 -5.74
CA SER D 157 -20.31 -21.06 -6.32
C SER D 157 -19.20 -22.12 -6.18
N PHE D 158 -17.94 -21.73 -6.43
CA PHE D 158 -16.82 -22.63 -6.26
C PHE D 158 -16.80 -23.18 -4.83
N ALA D 159 -16.87 -22.26 -3.85
CA ALA D 159 -16.76 -22.67 -2.44
C ALA D 159 -17.96 -23.52 -2.04
N GLN D 160 -19.13 -23.10 -2.46
CA GLN D 160 -20.37 -23.78 -2.02
C GLN D 160 -20.40 -25.21 -2.56
N ARG D 161 -19.87 -25.41 -3.77
CA ARG D 161 -20.00 -26.70 -4.50
C ARG D 161 -19.00 -27.73 -4.00
N GLN D 162 -18.06 -27.34 -3.12
CA GLN D 162 -17.00 -28.23 -2.71
C GLN D 162 -17.63 -29.40 -1.93
N SER D 172 -5.81 -32.47 -0.48
CA SER D 172 -6.04 -31.83 -1.79
C SER D 172 -5.71 -30.32 -1.71
N ASN D 173 -5.82 -29.64 -2.85
CA ASN D 173 -5.15 -28.35 -3.04
C ASN D 173 -6.08 -27.41 -3.82
N LEU D 174 -7.09 -26.90 -3.13
CA LEU D 174 -8.09 -26.02 -3.83
C LEU D 174 -7.58 -24.59 -3.82
N SER D 175 -7.73 -23.90 -4.94
CA SER D 175 -7.34 -22.47 -4.91
C SER D 175 -7.99 -21.69 -6.05
N ILE D 176 -8.02 -20.37 -5.84
CA ILE D 176 -8.57 -19.44 -6.80
C ILE D 176 -7.45 -18.48 -7.13
N VAL D 177 -7.34 -18.10 -8.39
CA VAL D 177 -6.36 -17.07 -8.78
C VAL D 177 -7.14 -16.01 -9.57
N ASN D 178 -7.01 -14.74 -9.12
CA ASN D 178 -7.70 -13.62 -9.76
C ASN D 178 -6.67 -12.84 -10.58
N LEU D 179 -7.01 -12.48 -11.80
CA LEU D 179 -6.09 -11.66 -12.60
C LEU D 179 -6.40 -10.20 -12.30
N CYS D 180 -5.40 -9.56 -11.68
CA CYS D 180 -5.53 -8.23 -11.12
C CYS D 180 -4.76 -7.28 -12.04
N ASP D 181 -4.27 -6.14 -11.56
CA ASP D 181 -3.62 -5.17 -12.50
C ASP D 181 -2.51 -4.50 -11.66
N ALA D 182 -1.25 -4.63 -12.08
CA ALA D 182 -0.13 -4.12 -11.28
C ALA D 182 -0.20 -2.59 -11.20
N MET D 183 -0.95 -1.97 -12.13
CA MET D 183 -1.00 -0.53 -12.22
C MET D 183 -2.27 0.00 -11.51
N VAL D 184 -2.83 -0.78 -10.57
CA VAL D 184 -4.15 -0.42 -10.03
C VAL D 184 -4.08 0.90 -9.22
N ASP D 185 -2.91 1.24 -8.71
CA ASP D 185 -2.77 2.48 -7.97
C ASP D 185 -2.10 3.60 -8.74
N GLN D 186 -1.85 3.37 -10.02
CA GLN D 186 -1.39 4.41 -10.94
C GLN D 186 -2.26 4.32 -12.19
N PRO D 187 -3.52 4.72 -12.02
CA PRO D 187 -4.55 4.42 -13.01
C PRO D 187 -4.34 5.16 -14.35
N CYS D 188 -4.78 4.53 -15.43
CA CYS D 188 -4.84 5.19 -16.75
C CYS D 188 -5.91 6.28 -16.72
N MET D 189 -5.60 7.41 -17.37
CA MET D 189 -6.53 8.53 -17.51
C MET D 189 -7.86 8.05 -18.13
N ALA D 190 -9.00 8.37 -17.50
CA ALA D 190 -10.36 8.14 -18.06
C ALA D 190 -10.79 6.67 -17.95
N PHE D 191 -10.13 5.86 -17.13
CA PHE D 191 -10.52 4.46 -16.94
C PHE D 191 -11.10 4.22 -15.53
N SER D 192 -11.87 5.15 -14.98
CA SER D 192 -12.42 5.05 -13.62
CA SER D 192 -12.33 5.01 -13.60
C SER D 192 -13.13 3.72 -13.34
N LEU D 193 -14.14 3.35 -14.16
CA LEU D 193 -14.93 2.17 -13.84
C LEU D 193 -14.07 0.92 -13.96
N TYR D 194 -13.21 0.81 -14.99
CA TYR D 194 -12.27 -0.32 -15.04
C TYR D 194 -11.44 -0.38 -13.75
N ASN D 195 -10.87 0.77 -13.36
CA ASN D 195 -9.93 0.78 -12.23
C ASN D 195 -10.71 0.40 -10.95
N MET D 196 -11.95 0.89 -10.85
CA MET D 196 -12.78 0.56 -9.66
C MET D 196 -13.00 -0.95 -9.64
N GLY D 197 -13.26 -1.54 -10.81
CA GLY D 197 -13.48 -3.03 -10.84
C GLY D 197 -12.24 -3.80 -10.39
N LYS D 198 -11.07 -3.40 -10.86
CA LYS D 198 -9.79 -4.08 -10.45
C LYS D 198 -9.47 -3.81 -8.99
N HIS D 199 -9.81 -2.61 -8.49
CA HIS D 199 -9.57 -2.38 -7.06
C HIS D 199 -10.50 -3.30 -6.27
N ALA D 200 -11.76 -3.40 -6.73
CA ALA D 200 -12.73 -4.32 -6.04
C ALA D 200 -12.19 -5.77 -6.04
N LEU D 201 -11.57 -6.16 -7.13
CA LEU D 201 -11.01 -7.53 -7.24
C LEU D 201 -9.88 -7.76 -6.20
N VAL D 202 -9.08 -6.72 -5.90
CA VAL D 202 -8.08 -6.82 -4.77
C VAL D 202 -8.84 -7.10 -3.47
N GLY D 203 -9.87 -6.28 -3.20
CA GLY D 203 -10.70 -6.50 -2.01
C GLY D 203 -11.23 -7.92 -1.96
N LEU D 204 -11.77 -8.42 -3.08
CA LEU D 204 -12.29 -9.80 -3.09
C LEU D 204 -11.18 -10.82 -2.78
N THR D 205 -10.03 -10.68 -3.46
CA THR D 205 -8.87 -11.61 -3.25
C THR D 205 -8.60 -11.72 -1.74
N GLN D 206 -8.51 -10.56 -1.06
CA GLN D 206 -8.12 -10.54 0.36
C GLN D 206 -9.28 -11.05 1.21
N SER D 207 -10.50 -10.57 0.94
CA SER D 207 -11.67 -10.99 1.74
C SER D 207 -11.93 -12.50 1.58
N ALA D 208 -11.87 -12.99 0.35
CA ALA D 208 -12.12 -14.43 0.14
C ALA D 208 -10.98 -15.28 0.72
N ALA D 209 -9.73 -14.76 0.67
CA ALA D 209 -8.63 -15.53 1.27
C ALA D 209 -8.94 -15.75 2.75
N LEU D 210 -9.35 -14.69 3.44
CA LEU D 210 -9.63 -14.76 4.87
CA LEU D 210 -9.59 -14.82 4.89
C LEU D 210 -10.79 -15.74 5.12
N GLU D 211 -11.86 -15.53 4.38
CA GLU D 211 -13.09 -16.27 4.68
C GLU D 211 -13.01 -17.76 4.28
N LEU D 212 -12.28 -18.08 3.22
CA LEU D 212 -12.26 -19.47 2.73
C LEU D 212 -11.08 -20.29 3.27
N ALA D 213 -10.15 -19.63 3.98
CA ALA D 213 -8.98 -20.33 4.57
C ALA D 213 -9.42 -21.55 5.41
N PRO D 214 -10.48 -21.41 6.21
CA PRO D 214 -10.92 -22.58 7.01
C PRO D 214 -11.48 -23.76 6.19
N TYR D 215 -11.81 -23.54 4.91
CA TYR D 215 -12.25 -24.62 4.01
C TYR D 215 -11.08 -25.18 3.20
N GLY D 216 -9.88 -24.66 3.43
CA GLY D 216 -8.68 -25.11 2.71
C GLY D 216 -8.64 -24.56 1.29
N ILE D 217 -9.33 -23.45 1.05
CA ILE D 217 -9.24 -22.84 -0.32
C ILE D 217 -8.34 -21.61 -0.21
N ARG D 218 -7.27 -21.57 -0.99
CA ARG D 218 -6.38 -20.40 -0.98
C ARG D 218 -6.85 -19.46 -2.10
N VAL D 219 -6.66 -18.14 -1.92
CA VAL D 219 -7.16 -17.18 -2.91
C VAL D 219 -6.01 -16.18 -3.11
N ASN D 220 -5.54 -16.06 -4.35
CA ASN D 220 -4.37 -15.22 -4.58
C ASN D 220 -4.58 -14.49 -5.91
N GLY D 221 -3.69 -13.59 -6.24
CA GLY D 221 -3.83 -12.87 -7.49
C GLY D 221 -2.52 -12.83 -8.26
N VAL D 222 -2.62 -12.60 -9.56
CA VAL D 222 -1.48 -12.34 -10.44
C VAL D 222 -1.79 -11.00 -11.11
N ALA D 223 -0.87 -10.06 -11.00
CA ALA D 223 -1.13 -8.68 -11.50
C ALA D 223 -0.14 -8.36 -12.64
N PRO D 224 -0.57 -8.50 -13.89
CA PRO D 224 0.29 -8.09 -15.00
C PRO D 224 0.42 -6.57 -15.06
N GLY D 225 1.52 -6.08 -15.68
CA GLY D 225 1.59 -4.66 -15.96
C GLY D 225 1.14 -4.44 -17.40
N VAL D 226 2.08 -4.52 -18.30
CA VAL D 226 1.69 -4.66 -19.71
C VAL D 226 2.12 -6.05 -20.19
N SER D 227 1.14 -6.78 -20.67
CA SER D 227 1.37 -8.08 -21.27
C SER D 227 0.88 -7.94 -22.71
N LEU D 228 0.16 -8.92 -23.24
CA LEU D 228 -0.29 -8.86 -24.64
C LEU D 228 -1.12 -7.58 -24.84
N LEU D 229 -0.63 -6.72 -25.73
CA LEU D 229 -1.25 -5.40 -25.88
C LEU D 229 -2.57 -5.56 -26.65
N PRO D 230 -3.56 -4.68 -26.41
CA PRO D 230 -4.86 -4.79 -27.12
C PRO D 230 -4.70 -4.89 -28.64
N VAL D 231 -5.43 -5.84 -29.23
CA VAL D 231 -5.40 -6.10 -30.68
C VAL D 231 -5.68 -4.80 -31.45
N ALA D 232 -6.54 -3.95 -30.91
CA ALA D 232 -6.94 -2.71 -31.59
C ALA D 232 -5.81 -1.67 -31.55
N MET D 233 -4.70 -1.96 -30.89
CA MET D 233 -3.70 -0.92 -30.67
C MET D 233 -2.77 -0.80 -31.88
N GLY D 234 -2.50 0.45 -32.27
CA GLY D 234 -1.49 0.78 -33.28
C GLY D 234 -0.08 0.46 -32.81
N GLU D 235 0.83 0.28 -33.77
CA GLU D 235 2.20 -0.21 -33.52
C GLU D 235 3.01 0.82 -32.71
N GLU D 236 2.85 2.11 -33.05
CA GLU D 236 3.58 3.20 -32.38
C GLU D 236 3.18 3.28 -30.90
N GLU D 237 1.89 3.12 -30.62
CA GLU D 237 1.38 3.15 -29.24
C GLU D 237 1.92 1.92 -28.48
N LYS D 238 1.93 0.75 -29.13
CA LYS D 238 2.47 -0.51 -28.53
C LYS D 238 3.92 -0.26 -28.09
N ASP D 239 4.70 0.37 -28.98
CA ASP D 239 6.10 0.59 -28.69
C ASP D 239 6.29 1.60 -27.56
N LYS D 240 5.41 2.60 -27.50
CA LYS D 240 5.44 3.59 -26.39
C LYS D 240 5.38 2.85 -25.04
N TRP D 241 4.46 1.89 -24.95
CA TRP D 241 4.26 1.15 -23.68
C TRP D 241 5.43 0.20 -23.43
N ARG D 242 5.91 -0.48 -24.48
CA ARG D 242 7.08 -1.39 -24.31
C ARG D 242 8.27 -0.62 -23.73
N ARG D 243 8.50 0.62 -24.19
CA ARG D 243 9.72 1.40 -23.79
C ARG D 243 9.69 1.78 -22.29
N LYS D 244 8.53 1.68 -21.64
CA LYS D 244 8.37 2.13 -20.23
C LYS D 244 8.83 1.01 -19.27
N VAL D 245 8.93 -0.21 -19.78
CA VAL D 245 9.18 -1.37 -18.88
C VAL D 245 10.67 -1.51 -18.56
N PRO D 246 11.06 -1.40 -17.25
CA PRO D 246 12.48 -1.48 -16.86
C PRO D 246 13.14 -2.77 -17.35
N LEU D 247 12.50 -3.92 -17.09
CA LEU D 247 13.11 -5.20 -17.38
C LEU D 247 12.85 -5.59 -18.85
N GLY D 248 13.76 -5.19 -19.72
CA GLY D 248 13.79 -5.68 -21.10
C GLY D 248 13.05 -4.78 -22.06
N ARG D 249 12.36 -3.74 -21.57
CA ARG D 249 11.67 -2.82 -22.47
C ARG D 249 10.73 -3.61 -23.39
N ARG D 250 9.99 -4.57 -22.81
CA ARG D 250 9.04 -5.33 -23.61
C ARG D 250 7.89 -5.73 -22.69
N GLU D 251 6.76 -6.13 -23.29
CA GLU D 251 5.57 -6.63 -22.56
C GLU D 251 5.81 -8.08 -22.10
N ALA D 252 5.06 -8.51 -21.10
CA ALA D 252 5.05 -9.90 -20.71
C ALA D 252 4.40 -10.75 -21.81
N SER D 253 4.98 -11.89 -22.12
CA SER D 253 4.22 -12.91 -22.87
C SER D 253 3.05 -13.43 -22.01
N ALA D 254 2.02 -13.95 -22.68
CA ALA D 254 0.96 -14.59 -21.90
C ALA D 254 1.52 -15.75 -21.09
N GLU D 255 2.55 -16.44 -21.62
CA GLU D 255 3.08 -17.61 -20.89
C GLU D 255 3.76 -17.19 -19.57
N GLN D 256 4.40 -16.03 -19.58
CA GLN D 256 5.03 -15.47 -18.35
C GLN D 256 3.96 -15.20 -17.29
N ILE D 257 2.80 -14.69 -17.70
CA ILE D 257 1.66 -14.52 -16.74
C ILE D 257 1.18 -15.89 -16.25
N ALA D 258 1.01 -16.84 -17.19
CA ALA D 258 0.55 -18.18 -16.83
C ALA D 258 1.51 -18.84 -15.84
N ASP D 259 2.81 -18.63 -16.00
CA ASP D 259 3.78 -19.23 -15.06
C ASP D 259 3.47 -18.84 -13.63
N ALA D 260 3.06 -17.56 -13.40
CA ALA D 260 2.77 -17.17 -12.00
C ALA D 260 1.50 -17.87 -11.48
N VAL D 261 0.51 -18.04 -12.35
CA VAL D 261 -0.72 -18.73 -11.99
C VAL D 261 -0.38 -20.18 -11.60
N ILE D 262 0.43 -20.85 -12.43
CA ILE D 262 0.91 -22.22 -12.16
C ILE D 262 1.56 -22.33 -10.76
N PHE D 263 2.42 -21.37 -10.42
CA PHE D 263 3.08 -21.39 -9.13
C PHE D 263 2.03 -21.31 -8.04
N LEU D 264 1.08 -20.34 -8.17
CA LEU D 264 0.13 -20.11 -7.08
C LEU D 264 -0.83 -21.30 -6.88
N VAL D 265 -1.13 -22.04 -7.95
CA VAL D 265 -2.03 -23.21 -7.74
C VAL D 265 -1.25 -24.45 -7.26
N SER D 266 0.10 -24.41 -7.33
CA SER D 266 0.98 -25.59 -7.06
C SER D 266 1.13 -25.87 -5.55
N GLY D 267 1.61 -27.06 -5.23
CA GLY D 267 2.00 -27.39 -3.84
C GLY D 267 3.15 -26.53 -3.33
N SER D 268 3.87 -25.81 -4.20
CA SER D 268 4.95 -24.89 -3.75
C SER D 268 4.39 -23.58 -3.17
N ALA D 269 3.07 -23.41 -3.15
CA ALA D 269 2.45 -22.16 -2.68
C ALA D 269 1.41 -22.51 -1.60
N GLN D 270 1.55 -23.64 -0.90
CA GLN D 270 0.51 -24.12 0.00
CA GLN D 270 0.48 -24.11 -0.03
C GLN D 270 0.32 -23.22 1.22
N TYR D 271 1.31 -22.38 1.56
CA TYR D 271 1.12 -21.48 2.71
C TYR D 271 0.84 -20.04 2.23
N ILE D 272 0.57 -19.86 0.96
CA ILE D 272 0.35 -18.49 0.40
C ILE D 272 -1.16 -18.31 0.18
N THR D 273 -1.75 -17.33 0.85
CA THR D 273 -3.12 -16.93 0.52
C THR D 273 -3.26 -15.43 0.76
N GLY D 274 -4.05 -14.77 -0.10
CA GLY D 274 -4.25 -13.34 0.02
C GLY D 274 -3.13 -12.57 -0.66
N SER D 275 -2.24 -13.21 -1.40
CA SER D 275 -1.08 -12.51 -1.94
C SER D 275 -1.36 -12.18 -3.41
N ILE D 276 -0.88 -11.03 -3.85
CA ILE D 276 -0.99 -10.66 -5.25
C ILE D 276 0.42 -10.47 -5.79
N ILE D 277 0.79 -11.32 -6.75
CA ILE D 277 2.14 -11.30 -7.35
C ILE D 277 2.13 -10.41 -8.58
N LYS D 278 2.93 -9.34 -8.58
CA LYS D 278 3.05 -8.51 -9.77
C LYS D 278 3.97 -9.23 -10.74
N VAL D 279 3.55 -9.26 -11.99
CA VAL D 279 4.39 -9.81 -13.07
C VAL D 279 4.45 -8.68 -14.11
N ASP D 280 5.28 -7.69 -13.83
CA ASP D 280 5.16 -6.42 -14.56
C ASP D 280 6.51 -5.83 -15.00
N GLY D 281 7.59 -6.61 -14.87
CA GLY D 281 8.95 -6.14 -15.32
C GLY D 281 9.36 -4.84 -14.66
N GLY D 282 8.79 -4.54 -13.47
CA GLY D 282 9.16 -3.32 -12.76
C GLY D 282 8.30 -2.11 -13.11
N LEU D 283 7.30 -2.25 -14.00
CA LEU D 283 6.59 -1.05 -14.54
C LEU D 283 5.95 -0.22 -13.42
N SER D 284 5.37 -0.88 -12.41
CA SER D 284 4.65 -0.17 -11.36
C SER D 284 5.63 0.63 -10.49
N LEU D 285 6.93 0.41 -10.61
CA LEU D 285 7.86 1.15 -9.73
C LEU D 285 8.37 2.42 -10.44
N VAL D 286 7.99 2.66 -11.71
CA VAL D 286 8.54 3.82 -12.49
C VAL D 286 7.70 5.08 -12.24
N HIS D 287 8.35 6.16 -11.85
CA HIS D 287 7.61 7.40 -11.62
C HIS D 287 7.31 8.10 -12.93
N ALA D 288 6.42 9.09 -12.83
CA ALA D 288 5.94 9.96 -13.93
C ALA D 288 7.13 10.59 -14.65
PA NAP E . 16.52 20.28 2.13
O1A NAP E . 16.52 21.77 1.77
O2A NAP E . 17.10 19.27 1.16
O5B NAP E . 17.18 20.02 3.60
C5B NAP E . 16.60 20.59 4.80
C4B NAP E . 17.71 20.84 5.81
O4B NAP E . 18.29 19.55 6.15
C3B NAP E . 18.96 21.55 5.25
O3B NAP E . 18.77 22.97 5.08
C2B NAP E . 20.05 21.15 6.28
O2B NAP E . 20.34 22.18 7.27
C1B NAP E . 19.42 19.85 6.91
N9A NAP E . 20.42 18.78 6.83
C8A NAP E . 20.97 18.18 5.74
N7A NAP E . 21.94 17.31 6.16
C5A NAP E . 22.04 17.42 7.51
C6A NAP E . 22.91 16.81 8.57
N6A NAP E . 23.84 15.90 8.20
N1A NAP E . 22.68 17.21 9.84
C2A NAP E . 21.69 18.11 10.16
N3A NAP E . 20.86 18.72 9.28
C4A NAP E . 21.02 18.38 7.95
O3 NAP E . 14.95 19.94 2.49
PN NAP E . 13.60 20.53 1.83
O1N NAP E . 13.22 21.83 2.52
O2N NAP E . 13.77 20.53 0.33
O5D NAP E . 12.58 19.32 2.28
C5D NAP E . 12.10 19.27 3.64
C4D NAP E . 11.69 17.81 3.93
O4D NAP E . 10.70 17.43 2.97
C3D NAP E . 12.86 16.80 3.75
O3D NAP E . 12.71 15.77 4.74
C2D NAP E . 12.63 16.19 2.34
O2D NAP E . 13.16 14.84 2.29
C1D NAP E . 11.10 16.21 2.29
N1N NAP E . 10.76 16.27 0.87
C2N NAP E . 11.06 17.43 0.15
C3N NAP E . 10.72 17.48 -1.22
C7N NAP E . 11.01 18.69 -2.08
O7N NAP E . 10.51 18.73 -3.21
N7N NAP E . 11.82 19.64 -1.59
C4N NAP E . 10.16 16.35 -1.85
C5N NAP E . 9.90 15.19 -1.06
C6N NAP E . 10.22 15.18 0.29
P2B NAP E . 21.49 23.28 7.06
O1X NAP E . 21.07 23.99 5.76
O2X NAP E . 22.80 22.52 6.86
O3X NAP E . 21.39 24.00 8.39
CBF EV8 F . 22.29 19.72 -10.31
OBE EV8 F . 21.05 18.97 -10.18
CBC EV8 F . 20.70 18.67 -8.86
OBD EV8 F . 20.12 19.47 -8.12
CAQ EV8 F . 21.02 17.24 -8.34
CAR EV8 F . 20.09 16.85 -7.13
CAS EV8 F . 18.69 16.38 -7.61
CAP EV8 F . 20.99 16.19 -9.49
CAO EV8 F . 20.16 14.96 -9.17
NAJ EV8 F . 18.79 15.33 -8.70
CAH EV8 F . 17.73 14.67 -9.24
OAI EV8 F . 17.92 13.81 -10.11
CAA EV8 F . 16.39 14.94 -8.85
CAF EV8 F . 15.56 13.87 -8.47
CAE EV8 F . 14.23 14.12 -8.07
CAB EV8 F . 15.84 16.24 -8.84
CAC EV8 F . 14.51 16.48 -8.45
CAD EV8 F . 13.69 15.40 -8.09
CAG EV8 F . 12.34 15.61 -7.65
NAK EV8 F . 12.46 15.46 -6.15
CAL EV8 F . 12.82 16.48 -5.35
OAN EV8 F . 13.13 17.59 -5.78
CAM EV8 F . 13.14 16.15 -4.01
CAV EV8 F . 13.96 17.05 -3.32
CAW EV8 F . 14.35 16.79 -2.06
SAZ EV8 F . 15.34 17.75 -1.00
CBA EV8 F . 15.27 16.53 0.24
NBB EV8 F . 15.89 16.66 1.42
NAY EV8 F . 14.52 15.51 -0.15
CAX EV8 F . 13.99 15.62 -1.42
CAT EV8 F . 13.24 14.70 -2.10
CAU EV8 F . 12.77 14.94 -3.41
C ACT G . 14.12 30.39 2.84
O ACT G . 12.87 30.51 3.05
OXT ACT G . 14.60 29.43 2.17
CH3 ACT G . 15.06 31.45 3.39
PA NAP H . -24.09 4.64 8.41
O1A NAP H . -24.80 5.20 9.59
O2A NAP H . -23.88 3.15 8.21
O5B NAP H . -24.80 5.09 7.02
C5B NAP H . -24.88 6.45 6.62
C4B NAP H . -26.18 6.69 5.88
O4B NAP H . -26.03 6.03 4.64
C3B NAP H . -27.49 6.11 6.45
O3B NAP H . -28.05 6.96 7.48
C2B NAP H . -28.33 6.02 5.16
O2B NAP H . -29.35 7.07 5.07
C1B NAP H . -27.25 6.10 3.99
N9A NAP H . -27.53 4.93 3.14
C8A NAP H . -27.47 3.61 3.50
N7A NAP H . -27.97 2.87 2.51
C5A NAP H . -28.43 3.73 1.52
C6A NAP H . -29.09 3.61 0.18
N6A NAP H . -29.42 2.42 -0.32
N1A NAP H . -29.37 4.74 -0.47
C2A NAP H . -29.08 5.97 0.02
N3A NAP H . -28.45 6.21 1.19
C4A NAP H . -28.15 5.09 1.96
O3 NAP H . -22.65 5.43 8.20
PN NAP H . -21.69 6.09 9.33
O1N NAP H . -22.19 7.41 9.70
O2N NAP H . -21.41 5.03 10.39
O5D NAP H . -20.35 6.26 8.43
C5D NAP H . -20.26 7.34 7.51
C4D NAP H . -19.19 6.84 6.47
O4D NAP H . -17.98 6.46 7.14
C3D NAP H . -19.63 5.60 5.69
O3D NAP H . -19.22 5.72 4.30
C2D NAP H . -18.90 4.39 6.34
O2D NAP H . -18.61 3.26 5.45
C1D NAP H . -17.61 5.11 6.78
N1N NAP H . -17.01 4.42 7.92
C2N NAP H . -17.71 4.45 9.09
C3N NAP H . -17.19 3.75 10.17
C7N NAP H . -17.83 3.77 11.52
O7N NAP H . -17.14 3.24 12.40
N7N NAP H . -19.07 4.29 11.70
C4N NAP H . -16.02 3.01 10.01
C5N NAP H . -15.34 2.97 8.77
C6N NAP H . -15.86 3.70 7.71
P2B NAP H . -30.83 7.07 5.69
O1X NAP H . -30.58 6.90 7.18
O2X NAP H . -31.52 5.89 5.02
O3X NAP H . -31.38 8.41 5.32
NAJ EV8 I . -21.36 -6.45 12.90
CAH EV8 I . -20.03 -6.68 12.98
OAI EV8 I . -19.57 -7.83 12.87
CAA EV8 I . -19.14 -5.57 13.11
CAF EV8 I . -18.03 -5.49 12.24
CAE EV8 I . -17.14 -4.40 12.33
CAB EV8 I . -19.31 -4.56 14.09
CAC EV8 I . -18.39 -3.48 14.17
CAD EV8 I . -17.29 -3.39 13.29
CAG EV8 I . -16.32 -2.31 13.32
NAK EV8 I . -16.50 -1.53 12.06
CAL EV8 I . -17.47 -0.60 12.07
OAN EV8 I . -18.20 -0.55 13.07
CAM EV8 I . -17.88 -0.03 10.84
CAV EV8 I . -19.20 0.49 10.74
CAW EV8 I . -19.68 0.97 9.58
SAZ EV8 I . -21.15 1.72 9.19
CBA EV8 I . -20.73 1.92 7.52
NBB EV8 I . -21.53 2.47 6.62
NAY EV8 I . -19.49 1.49 7.32
CAX EV8 I . -18.87 0.96 8.43
CAT EV8 I . -17.63 0.44 8.48
CAU EV8 I . -17.08 -0.10 9.67
PA NAP J . 17.14 -15.90 12.24
O1A NAP J . 17.28 -17.36 12.66
O2A NAP J . 16.62 -14.88 13.25
O5B NAP J . 18.58 -15.35 11.74
C5B NAP J . 19.14 -15.78 10.50
C4B NAP J . 20.65 -15.76 10.65
O4B NAP J . 21.00 -14.39 10.58
C3B NAP J . 21.21 -16.21 12.02
O3B NAP J . 21.35 -17.65 12.16
C2B NAP J . 22.55 -15.47 12.08
O2B NAP J . 23.64 -16.31 11.66
C1B NAP J . 22.34 -14.32 11.06
N9A NAP J . 22.68 -13.07 11.75
C8A NAP J . 22.07 -12.44 12.79
N7A NAP J . 22.77 -11.34 13.17
C5A NAP J . 23.88 -11.27 12.39
C6A NAP J . 25.06 -10.38 12.25
N6A NAP J . 25.19 -9.28 13.06
N1A NAP J . 25.99 -10.73 11.32
C2A NAP J . 25.81 -11.77 10.47
N3A NAP J . 24.78 -12.68 10.52
C4A NAP J . 23.81 -12.44 11.45
O3 NAP J . 16.30 -15.84 10.86
PN NAP J . 15.07 -16.81 10.41
O1N NAP J . 15.61 -18.06 9.78
O2N NAP J . 14.07 -16.90 11.55
O5D NAP J . 14.52 -15.78 9.24
C5D NAP J . 15.23 -15.58 7.99
C4D NAP J . 14.69 -14.32 7.34
O4D NAP J . 13.22 -14.26 7.27
C3D NAP J . 15.10 -13.08 8.15
O3D NAP J . 15.41 -12.05 7.23
C2D NAP J . 13.87 -12.71 8.95
O2D NAP J . 13.79 -11.29 9.39
C1D NAP J . 12.77 -13.14 7.98
N1N NAP J . 11.53 -13.45 8.72
C2N NAP J . 11.48 -14.54 9.53
C3N NAP J . 10.30 -14.82 10.22
C7N NAP J . 10.16 -16.02 11.14
O7N NAP J . 9.04 -16.30 11.54
N7N NAP J . 11.23 -16.77 11.53
C4N NAP J . 9.23 -13.91 10.08
C5N NAP J . 9.33 -12.77 9.28
C6N NAP J . 10.52 -12.57 8.57
P2B NAP J . 24.77 -17.03 12.58
O1X NAP J . 23.74 -17.96 13.28
O2X NAP J . 25.39 -16.06 13.55
O3X NAP J . 25.74 -17.58 11.62
PA NAP K . -8.64 -9.56 -22.74
O1A NAP K . -8.06 -10.22 -24.01
O2A NAP K . -8.88 -8.08 -22.74
O5B NAP K . -10.04 -10.23 -22.32
C5B NAP K . -10.06 -11.60 -21.90
C4B NAP K . -11.40 -12.22 -22.27
O4B NAP K . -12.39 -11.74 -21.35
C3B NAP K . -11.95 -11.90 -23.66
O3B NAP K . -11.37 -12.75 -24.68
C2B NAP K . -13.47 -12.15 -23.47
O2B NAP K . -13.88 -13.43 -23.98
C1B NAP K . -13.63 -12.08 -21.90
N9A NAP K . -14.67 -11.11 -21.67
C8A NAP K . -14.67 -9.77 -21.96
N7A NAP K . -15.91 -9.29 -21.68
C5A NAP K . -16.68 -10.33 -21.22
C6A NAP K . -18.09 -10.53 -20.79
N6A NAP K . -18.94 -9.50 -20.77
N1A NAP K . -18.48 -11.77 -20.47
C2A NAP K . -17.63 -12.83 -20.48
N3A NAP K . -16.34 -12.76 -20.87
C4A NAP K . -15.87 -11.53 -21.27
O3 NAP K . -7.68 -9.97 -21.51
PN NAP K . -6.10 -10.19 -21.55
O1N NAP K . -5.86 -11.56 -22.03
O2N NAP K . -5.42 -9.03 -22.23
O5D NAP K . -5.79 -10.12 -19.91
C5D NAP K . -6.17 -11.22 -19.10
C4D NAP K . -6.36 -10.68 -17.67
O4D NAP K . -5.16 -9.97 -17.29
C3D NAP K . -7.49 -9.66 -17.52
O3D NAP K . -8.17 -9.86 -16.26
C2D NAP K . -6.78 -8.31 -17.54
O2D NAP K . -7.52 -7.23 -16.88
C1D NAP K . -5.47 -8.66 -16.87
N1N NAP K . -4.43 -7.71 -17.33
C2N NAP K . -3.98 -7.78 -18.62
C3N NAP K . -3.02 -6.88 -19.05
C7N NAP K . -2.53 -6.89 -20.45
O7N NAP K . -1.62 -6.11 -20.66
N7N NAP K . -3.10 -7.69 -21.38
C4N NAP K . -2.53 -5.89 -18.15
C5N NAP K . -3.02 -5.82 -16.85
C6N NAP K . -3.98 -6.77 -16.44
P2B NAP K . -14.44 -13.70 -25.51
O1X NAP K . -13.23 -13.38 -26.35
O2X NAP K . -15.60 -12.75 -25.69
O3X NAP K . -14.80 -15.17 -25.43
NAJ EV8 L . -6.32 2.26 -24.62
CAH EV8 L . -5.33 2.85 -23.91
OAI EV8 L . -5.22 4.08 -23.85
CAA EV8 L . -4.41 2.03 -23.23
CAF EV8 L . -4.31 2.10 -21.81
CAE EV8 L . -3.41 1.26 -21.13
CAB EV8 L . -3.58 1.12 -23.93
CAC EV8 L . -2.66 0.29 -23.24
CAD EV8 L . -2.56 0.37 -21.83
CAG EV8 L . -1.65 -0.48 -21.10
NAK EV8 L . -2.52 -1.48 -20.43
CAL EV8 L . -2.86 -2.62 -21.05
OAN EV8 L . -2.52 -2.86 -22.19
CAM EV8 L . -3.89 -3.35 -20.44
CAV EV8 L . -4.66 -4.18 -21.26
CAW EV8 L . -5.71 -4.85 -20.73
SAZ EV8 L . -6.77 -5.93 -21.49
CBA EV8 L . -7.71 -6.18 -20.02
NBB EV8 L . -8.79 -6.96 -19.96
NAY EV8 L . -7.17 -5.47 -19.02
CAX EV8 L . -6.08 -4.72 -19.39
CAT EV8 L . -5.35 -3.90 -18.59
CAU EV8 L . -4.27 -3.16 -19.10
C ACT M . 5.57 -24.50 -9.64
O ACT M . 5.15 -24.56 -8.48
OXT ACT M . 5.57 -25.59 -10.29
CH3 ACT M . 6.07 -23.13 -10.14
#